data_315D
# 
_entry.id   315D 
# 
_audit_conform.dict_name       mmcif_pdbx.dic 
_audit_conform.dict_version    5.389 
_audit_conform.dict_location   http://mmcif.pdb.org/dictionaries/ascii/mmcif_pdbx.dic 
# 
loop_
_database_2.database_id 
_database_2.database_code 
_database_2.pdbx_database_accession 
_database_2.pdbx_DOI 
PDB   315D         pdb_0000315d 10.2210/pdb315d/pdb 
RCSB  AHH077       ?            ?                   
WWPDB D_1000178783 ?            ?                   
# 
loop_
_pdbx_audit_revision_history.ordinal 
_pdbx_audit_revision_history.data_content_type 
_pdbx_audit_revision_history.major_revision 
_pdbx_audit_revision_history.minor_revision 
_pdbx_audit_revision_history.revision_date 
1 'Structure model' 1 0 1997-09-23 
2 'Structure model' 1 1 2008-05-22 
3 'Structure model' 1 2 2011-07-13 
4 'Structure model' 1 3 2024-02-21 
5 'Structure model' 1 4 2024-04-03 
# 
_pdbx_audit_revision_details.ordinal             1 
_pdbx_audit_revision_details.revision_ordinal    1 
_pdbx_audit_revision_details.data_content_type   'Structure model' 
_pdbx_audit_revision_details.provider            repository 
_pdbx_audit_revision_details.type                'Initial release' 
_pdbx_audit_revision_details.description         ? 
_pdbx_audit_revision_details.details             ? 
# 
loop_
_pdbx_audit_revision_group.ordinal 
_pdbx_audit_revision_group.revision_ordinal 
_pdbx_audit_revision_group.data_content_type 
_pdbx_audit_revision_group.group 
1 2 'Structure model' 'Version format compliance' 
2 3 'Structure model' 'Version format compliance' 
3 4 'Structure model' 'Data collection'           
4 4 'Structure model' 'Database references'       
5 5 'Structure model' 'Refinement description'    
# 
loop_
_pdbx_audit_revision_category.ordinal 
_pdbx_audit_revision_category.revision_ordinal 
_pdbx_audit_revision_category.data_content_type 
_pdbx_audit_revision_category.category 
1 4 'Structure model' chem_comp_atom                
2 4 'Structure model' chem_comp_bond                
3 4 'Structure model' database_2                    
4 5 'Structure model' pdbx_initial_refinement_model 
# 
loop_
_pdbx_audit_revision_item.ordinal 
_pdbx_audit_revision_item.revision_ordinal 
_pdbx_audit_revision_item.data_content_type 
_pdbx_audit_revision_item.item 
1 4 'Structure model' '_database_2.pdbx_DOI'                
2 4 'Structure model' '_database_2.pdbx_database_accession' 
# 
_pdbx_database_status.status_code                     REL 
_pdbx_database_status.entry_id                        315D 
_pdbx_database_status.recvd_initial_deposition_date   1997-02-26 
_pdbx_database_status.deposit_site                    NDB 
_pdbx_database_status.process_site                    NDB 
_pdbx_database_status.SG_entry                        . 
_pdbx_database_status.status_code_sf                  ? 
_pdbx_database_status.status_code_mr                  ? 
_pdbx_database_status.pdb_format_compatible           Y 
_pdbx_database_status.status_code_cs                  ? 
_pdbx_database_status.status_code_nmr_data            ? 
_pdbx_database_status.methods_development_category    ? 
# 
loop_
_audit_author.name 
_audit_author.pdbx_ordinal 
'Biswas, R.'        1 
'Wahl, M.C.'        2 
'Ban, C.'           3 
'Sundaralingam, M.' 4 
# 
_citation.id                        primary 
_citation.title                     'Crystal structure of an alternating octamer r(GUAUGUA)dC with adjacent G x U wobble pairs' 
_citation.journal_abbrev            J.Mol.Biol. 
_citation.journal_volume            267 
_citation.page_first                1149 
_citation.page_last                 1156 
_citation.year                      1997 
_citation.journal_id_ASTM           JMOBAK 
_citation.country                   UK 
_citation.journal_id_ISSN           0022-2836 
_citation.journal_id_CSD            0070 
_citation.book_publisher            ? 
_citation.pdbx_database_id_PubMed   9150403 
_citation.pdbx_database_id_DOI      10.1006/jmbi.1997.0936 
# 
loop_
_citation_author.citation_id 
_citation_author.name 
_citation_author.ordinal 
_citation_author.identifier_ORCID 
primary 'Biswas, R.'        1 ? 
primary 'Wahl, M.C.'        2 ? 
primary 'Ban, C.'           3 ? 
primary 'Sundaralingam, M.' 4 ? 
# 
loop_
_entity.id 
_entity.type 
_entity.src_method 
_entity.pdbx_description 
_entity.formula_weight 
_entity.pdbx_number_of_molecules 
_entity.pdbx_ec 
_entity.pdbx_mutation 
_entity.pdbx_fragment 
_entity.details 
1 polymer syn 
;DNA/RNA (5'-R(*GP*UP*AP*UP*GP*UP*AP*)-D(*C)-3')
;
2511.545 2  ? ? ? ? 
2 water   nat water                                             18.015   69 ? ? ? ? 
# 
_entity_poly.entity_id                      1 
_entity_poly.type                           'polydeoxyribonucleotide/polyribonucleotide hybrid' 
_entity_poly.nstd_linkage                   no 
_entity_poly.nstd_monomer                   no 
_entity_poly.pdbx_seq_one_letter_code       'GUAUGUA(DC)' 
_entity_poly.pdbx_seq_one_letter_code_can   GUAUGUAC 
_entity_poly.pdbx_strand_id                 A,B 
_entity_poly.pdbx_target_identifier         ? 
# 
_pdbx_entity_nonpoly.entity_id   2 
_pdbx_entity_nonpoly.name        water 
_pdbx_entity_nonpoly.comp_id     HOH 
# 
loop_
_entity_poly_seq.entity_id 
_entity_poly_seq.num 
_entity_poly_seq.mon_id 
_entity_poly_seq.hetero 
1 1 G  n 
1 2 U  n 
1 3 A  n 
1 4 U  n 
1 5 G  n 
1 6 U  n 
1 7 A  n 
1 8 DC n 
# 
loop_
_chem_comp.id 
_chem_comp.type 
_chem_comp.mon_nstd_flag 
_chem_comp.name 
_chem_comp.pdbx_synonyms 
_chem_comp.formula 
_chem_comp.formula_weight 
A   'RNA linking' y "ADENOSINE-5'-MONOPHOSPHATE"        ? 'C10 H14 N5 O7 P' 347.221 
DC  'DNA linking' y "2'-DEOXYCYTIDINE-5'-MONOPHOSPHATE" ? 'C9 H14 N3 O7 P'  307.197 
G   'RNA linking' y "GUANOSINE-5'-MONOPHOSPHATE"        ? 'C10 H14 N5 O8 P' 363.221 
HOH non-polymer   . WATER                               ? 'H2 O'            18.015  
U   'RNA linking' y "URIDINE-5'-MONOPHOSPHATE"          ? 'C9 H13 N2 O9 P'  324.181 
# 
loop_
_pdbx_poly_seq_scheme.asym_id 
_pdbx_poly_seq_scheme.entity_id 
_pdbx_poly_seq_scheme.seq_id 
_pdbx_poly_seq_scheme.mon_id 
_pdbx_poly_seq_scheme.ndb_seq_num 
_pdbx_poly_seq_scheme.pdb_seq_num 
_pdbx_poly_seq_scheme.auth_seq_num 
_pdbx_poly_seq_scheme.pdb_mon_id 
_pdbx_poly_seq_scheme.auth_mon_id 
_pdbx_poly_seq_scheme.pdb_strand_id 
_pdbx_poly_seq_scheme.pdb_ins_code 
_pdbx_poly_seq_scheme.hetero 
A 1 1 G  1 1  1  G  G A . n 
A 1 2 U  2 2  2  U  U A . n 
A 1 3 A  3 3  3  A  A A . n 
A 1 4 U  4 4  4  U  U A . n 
A 1 5 G  5 5  5  G  G A . n 
A 1 6 U  6 6  6  U  U A . n 
A 1 7 A  7 7  7  A  A A . n 
A 1 8 DC 8 8  8  DC C A . n 
B 1 1 G  1 9  9  G  G B . n 
B 1 2 U  2 10 10 U  U B . n 
B 1 3 A  3 11 11 A  A B . n 
B 1 4 U  4 12 12 U  U B . n 
B 1 5 G  5 13 13 G  G B . n 
B 1 6 U  6 14 14 U  U B . n 
B 1 7 A  7 15 15 A  A B . n 
B 1 8 DC 8 16 16 DC C B . n 
# 
loop_
_pdbx_nonpoly_scheme.asym_id 
_pdbx_nonpoly_scheme.entity_id 
_pdbx_nonpoly_scheme.mon_id 
_pdbx_nonpoly_scheme.ndb_seq_num 
_pdbx_nonpoly_scheme.pdb_seq_num 
_pdbx_nonpoly_scheme.auth_seq_num 
_pdbx_nonpoly_scheme.pdb_mon_id 
_pdbx_nonpoly_scheme.auth_mon_id 
_pdbx_nonpoly_scheme.pdb_strand_id 
_pdbx_nonpoly_scheme.pdb_ins_code 
C 2 HOH 1  17 17 HOH HOH A . 
C 2 HOH 2  18 18 HOH HOH A . 
C 2 HOH 3  19 19 HOH HOH A . 
C 2 HOH 4  20 20 HOH HOH A . 
C 2 HOH 5  23 23 HOH HOH A . 
C 2 HOH 6  24 24 HOH HOH A . 
C 2 HOH 7  26 26 HOH HOH A . 
C 2 HOH 8  29 29 HOH HOH A . 
C 2 HOH 9  30 30 HOH HOH A . 
C 2 HOH 10 33 33 HOH HOH A . 
C 2 HOH 11 35 35 HOH HOH A . 
C 2 HOH 12 36 36 HOH HOH A . 
C 2 HOH 13 38 38 HOH HOH A . 
C 2 HOH 14 43 43 HOH HOH A . 
C 2 HOH 15 46 46 HOH HOH A . 
C 2 HOH 16 47 47 HOH HOH A . 
C 2 HOH 17 50 50 HOH HOH A . 
C 2 HOH 18 53 53 HOH HOH A . 
C 2 HOH 19 54 54 HOH HOH A . 
C 2 HOH 20 55 55 HOH HOH A . 
C 2 HOH 21 57 57 HOH HOH A . 
C 2 HOH 22 58 58 HOH HOH A . 
C 2 HOH 23 59 59 HOH HOH A . 
C 2 HOH 24 60 60 HOH HOH A . 
C 2 HOH 25 61 61 HOH HOH A . 
C 2 HOH 26 62 62 HOH HOH A . 
C 2 HOH 27 64 64 HOH HOH A . 
C 2 HOH 28 65 65 HOH HOH A . 
C 2 HOH 29 66 66 HOH HOH A . 
C 2 HOH 30 67 67 HOH HOH A . 
C 2 HOH 31 68 68 HOH HOH A . 
C 2 HOH 32 69 69 HOH HOH A . 
C 2 HOH 33 70 70 HOH HOH A . 
C 2 HOH 34 71 71 HOH HOH A . 
C 2 HOH 35 74 74 HOH HOH A . 
C 2 HOH 36 76 76 HOH HOH A . 
C 2 HOH 37 78 78 HOH HOH A . 
C 2 HOH 38 79 79 HOH HOH A . 
C 2 HOH 39 81 81 HOH HOH A . 
C 2 HOH 40 82 82 HOH HOH A . 
D 2 HOH 1  21 21 HOH HOH B . 
D 2 HOH 2  22 22 HOH HOH B . 
D 2 HOH 3  25 25 HOH HOH B . 
D 2 HOH 4  27 27 HOH HOH B . 
D 2 HOH 5  28 28 HOH HOH B . 
D 2 HOH 6  31 31 HOH HOH B . 
D 2 HOH 7  32 32 HOH HOH B . 
D 2 HOH 8  34 34 HOH HOH B . 
D 2 HOH 9  37 37 HOH HOH B . 
D 2 HOH 10 39 39 HOH HOH B . 
D 2 HOH 11 40 40 HOH HOH B . 
D 2 HOH 12 41 41 HOH HOH B . 
D 2 HOH 13 42 42 HOH HOH B . 
D 2 HOH 14 44 44 HOH HOH B . 
D 2 HOH 15 45 45 HOH HOH B . 
D 2 HOH 16 48 48 HOH HOH B . 
D 2 HOH 17 49 49 HOH HOH B . 
D 2 HOH 18 51 51 HOH HOH B . 
D 2 HOH 19 52 52 HOH HOH B . 
D 2 HOH 20 56 56 HOH HOH B . 
D 2 HOH 21 63 63 HOH HOH B . 
D 2 HOH 22 72 72 HOH HOH B . 
D 2 HOH 23 73 73 HOH HOH B . 
D 2 HOH 24 75 75 HOH HOH B . 
D 2 HOH 25 77 77 HOH HOH B . 
D 2 HOH 26 80 80 HOH HOH B . 
D 2 HOH 27 83 83 HOH HOH B . 
D 2 HOH 28 84 84 HOH HOH B . 
D 2 HOH 29 85 85 HOH HOH B . 
# 
loop_
_software.name 
_software.classification 
_software.version 
_software.citation_id 
_software.pdbx_ordinal 
X-PLOR refinement       3.0      ? 1 
XENGEN 'data reduction' 'V. 2.0' ? 2 
# 
_cell.entry_id           315D 
_cell.length_a           39.710 
_cell.length_b           39.710 
_cell.length_c           68.150 
_cell.angle_alpha        90.00 
_cell.angle_beta         90.00 
_cell.angle_gamma        120.00 
_cell.Z_PDB              18 
_cell.pdbx_unique_axis   ? 
_cell.length_a_esd       ? 
_cell.length_b_esd       ? 
_cell.length_c_esd       ? 
_cell.angle_alpha_esd    ? 
_cell.angle_beta_esd     ? 
_cell.angle_gamma_esd    ? 
# 
_symmetry.entry_id                         315D 
_symmetry.space_group_name_H-M             'H 3' 
_symmetry.pdbx_full_space_group_name_H-M   ? 
_symmetry.cell_setting                     ? 
_symmetry.Int_Tables_number                146 
_symmetry.space_group_name_Hall            ? 
# 
_exptl.entry_id          315D 
_exptl.method            'X-RAY DIFFRACTION' 
_exptl.crystals_number   2 
# 
_exptl_crystal.id                    1 
_exptl_crystal.density_meas          ? 
_exptl_crystal.density_percent_sol   40.25 
_exptl_crystal.density_Matthews      2.06 
_exptl_crystal.description           ? 
_exptl_crystal.F_000                 ? 
_exptl_crystal.preparation           ? 
# 
_exptl_crystal_grow.crystal_id      1 
_exptl_crystal_grow.method          'VAPOR DIFFUSION, HANGING DROP' 
_exptl_crystal_grow.temp            291.00 
_exptl_crystal_grow.temp_details    ? 
_exptl_crystal_grow.pH              7.00 
_exptl_crystal_grow.pdbx_details    'pH 7.00, VAPOR DIFFUSION, HANGING DROP, temperature 291.00K' 
_exptl_crystal_grow.pdbx_pH_range   ? 
# 
loop_
_exptl_crystal_grow_comp.crystal_id 
_exptl_crystal_grow_comp.id 
_exptl_crystal_grow_comp.sol_id 
_exptl_crystal_grow_comp.name 
_exptl_crystal_grow_comp.volume 
_exptl_crystal_grow_comp.conc 
_exptl_crystal_grow_comp.details 
1 1 1 WATER           ? ? ? 
1 2 1 MPD             ? ? ? 
1 3 1 'NA CACODYLATE' ? ? ? 
1 4 1 '[CO(NH3)6]3+'  ? ? ? 
1 5 2 WATER           ? ? ? 
1 6 2 MPD             ? ? ? 
# 
_diffrn.id                     1 
_diffrn.ambient_temp           295.00 
_diffrn.ambient_temp_details   ? 
_diffrn.crystal_id             1 
# 
_diffrn_detector.diffrn_id              1 
_diffrn_detector.detector               'AREA DETECTOR' 
_diffrn_detector.type                   SIEMENS 
_diffrn_detector.pdbx_collection_date   ? 
_diffrn_detector.details                ? 
# 
_diffrn_radiation.diffrn_id                        1 
_diffrn_radiation.wavelength_id                    1 
_diffrn_radiation.pdbx_monochromatic_or_laue_m_l   M 
_diffrn_radiation.monochromator                    GRAPHITE 
_diffrn_radiation.pdbx_diffrn_protocol             ? 
_diffrn_radiation.pdbx_scattering_type             x-ray 
# 
_diffrn_radiation_wavelength.id           1 
_diffrn_radiation_wavelength.wavelength   . 
_diffrn_radiation_wavelength.wt           1.0 
# 
_diffrn_source.diffrn_id                   1 
_diffrn_source.source                      'ROTATING ANODE' 
_diffrn_source.type                        MACSCIENCE 
_diffrn_source.pdbx_synchrotron_site       ? 
_diffrn_source.pdbx_synchrotron_beamline   ? 
_diffrn_source.pdbx_wavelength             ? 
_diffrn_source.pdbx_wavelength_list        ? 
# 
_reflns.entry_id                     315D 
_reflns.observed_criterion_sigma_I   ? 
_reflns.observed_criterion_sigma_F   1.500 
_reflns.d_resolution_low             ? 
_reflns.d_resolution_high            1.380 
_reflns.number_obs                   5744 
_reflns.number_all                   ? 
_reflns.percent_possible_obs         ? 
_reflns.pdbx_Rmerge_I_obs            ? 
_reflns.pdbx_Rsym_value              0.0347000 
_reflns.pdbx_netI_over_sigmaI        ? 
_reflns.B_iso_Wilson_estimate        ? 
_reflns.pdbx_redundancy              ? 
_reflns.R_free_details               ? 
_reflns.pdbx_chi_squared             ? 
_reflns.pdbx_scaling_rejects         ? 
_reflns.pdbx_diffrn_id               1 
_reflns.pdbx_ordinal                 1 
# 
_refine.entry_id                                 315D 
_refine.ls_number_reflns_obs                     4035 
_refine.ls_number_reflns_all                     ? 
_refine.pdbx_ls_sigma_I                          ? 
_refine.pdbx_ls_sigma_F                          1.500 
_refine.pdbx_data_cutoff_high_absF               ? 
_refine.pdbx_data_cutoff_low_absF                ? 
_refine.pdbx_data_cutoff_high_rms_absF           ? 
_refine.ls_d_res_low                             10.000 
_refine.ls_d_res_high                            1.380 
_refine.ls_percent_reflns_obs                    ? 
_refine.ls_R_factor_obs                          0.1760000 
_refine.ls_R_factor_all                          ? 
_refine.ls_R_factor_R_work                       0.1760000 
_refine.ls_R_factor_R_free                       0.2310000 
_refine.ls_R_factor_R_free_error                 ? 
_refine.ls_R_factor_R_free_error_details         ? 
_refine.ls_percent_reflns_R_free                 ? 
_refine.ls_number_reflns_R_free                  ? 
_refine.ls_number_parameters                     ? 
_refine.ls_number_restraints                     ? 
_refine.occupancy_min                            ? 
_refine.occupancy_max                            ? 
_refine.B_iso_mean                               ? 
_refine.aniso_B[1][1]                            ? 
_refine.aniso_B[2][2]                            ? 
_refine.aniso_B[3][3]                            ? 
_refine.aniso_B[1][2]                            ? 
_refine.aniso_B[1][3]                            ? 
_refine.aniso_B[2][3]                            ? 
_refine.solvent_model_details                    ? 
_refine.solvent_model_param_ksol                 ? 
_refine.solvent_model_param_bsol                 ? 
_refine.pdbx_ls_cross_valid_method               ? 
_refine.details                                  ? 
_refine.pdbx_starting_model                      AHH071 
_refine.pdbx_method_to_determine_struct          'MOLECULAR REPLACEMENT' 
_refine.pdbx_isotropic_thermal_model             ? 
_refine.pdbx_stereochemistry_target_values       ? 
_refine.pdbx_stereochem_target_val_spec_case     ? 
_refine.pdbx_R_Free_selection_details            ? 
_refine.pdbx_overall_ESU_R                       ? 
_refine.pdbx_overall_ESU_R_Free                  ? 
_refine.overall_SU_ML                            ? 
_refine.overall_SU_B                             ? 
_refine.pdbx_refine_id                           'X-RAY DIFFRACTION' 
_refine.ls_redundancy_reflns_obs                 ? 
_refine.pdbx_overall_phase_error                 ? 
_refine.correlation_coeff_Fo_to_Fc               ? 
_refine.correlation_coeff_Fo_to_Fc_free          ? 
_refine.pdbx_solvent_vdw_probe_radii             ? 
_refine.pdbx_solvent_ion_probe_radii             ? 
_refine.pdbx_solvent_shrinkage_radii             ? 
_refine.overall_SU_R_Cruickshank_DPI             ? 
_refine.overall_SU_R_free                        ? 
_refine.ls_wR_factor_R_free                      ? 
_refine.ls_wR_factor_R_work                      ? 
_refine.overall_FOM_free_R_set                   ? 
_refine.overall_FOM_work_R_set                   ? 
_refine.pdbx_diffrn_id                           1 
_refine.pdbx_TLS_residual_ADP_flag               ? 
_refine.pdbx_overall_SU_R_free_Cruickshank_DPI   ? 
_refine.pdbx_overall_SU_R_Blow_DPI               ? 
_refine.pdbx_overall_SU_R_free_Blow_DPI          ? 
# 
_refine_hist.pdbx_refine_id                   'X-RAY DIFFRACTION' 
_refine_hist.cycle_id                         LAST 
_refine_hist.pdbx_number_atoms_protein        0 
_refine_hist.pdbx_number_atoms_nucleic_acid   332 
_refine_hist.pdbx_number_atoms_ligand         0 
_refine_hist.number_atoms_solvent             69 
_refine_hist.number_atoms_total               401 
_refine_hist.d_res_high                       1.380 
_refine_hist.d_res_low                        10.000 
# 
loop_
_refine_ls_restr.type 
_refine_ls_restr.dev_ideal 
_refine_ls_restr.dev_ideal_target 
_refine_ls_restr.weight 
_refine_ls_restr.number 
_refine_ls_restr.pdbx_refine_id 
_refine_ls_restr.pdbx_restraint_function 
x_bond_d                0.015 ? ? ? 'X-RAY DIFFRACTION' ? 
x_bond_d_na             ?     ? ? ? 'X-RAY DIFFRACTION' ? 
x_bond_d_prot           ?     ? ? ? 'X-RAY DIFFRACTION' ? 
x_angle_d               ?     ? ? ? 'X-RAY DIFFRACTION' ? 
x_angle_d_na            ?     ? ? ? 'X-RAY DIFFRACTION' ? 
x_angle_d_prot          ?     ? ? ? 'X-RAY DIFFRACTION' ? 
x_angle_deg             3.30  ? ? ? 'X-RAY DIFFRACTION' ? 
x_angle_deg_na          ?     ? ? ? 'X-RAY DIFFRACTION' ? 
x_angle_deg_prot        ?     ? ? ? 'X-RAY DIFFRACTION' ? 
x_dihedral_angle_d      ?     ? ? ? 'X-RAY DIFFRACTION' ? 
x_dihedral_angle_d_na   ?     ? ? ? 'X-RAY DIFFRACTION' ? 
x_dihedral_angle_d_prot ?     ? ? ? 'X-RAY DIFFRACTION' ? 
x_improper_angle_d      ?     ? ? ? 'X-RAY DIFFRACTION' ? 
x_improper_angle_d_na   ?     ? ? ? 'X-RAY DIFFRACTION' ? 
x_improper_angle_d_prot ?     ? ? ? 'X-RAY DIFFRACTION' ? 
x_mcbond_it             ?     ? ? ? 'X-RAY DIFFRACTION' ? 
x_mcangle_it            ?     ? ? ? 'X-RAY DIFFRACTION' ? 
x_scbond_it             ?     ? ? ? 'X-RAY DIFFRACTION' ? 
x_scangle_it            ?     ? ? ? 'X-RAY DIFFRACTION' ? 
# 
_refine_ls_shell.pdbx_total_number_of_bins_used   ? 
_refine_ls_shell.d_res_high                       1.38 
_refine_ls_shell.d_res_low                        1.58 
_refine_ls_shell.number_reflns_R_work             ? 
_refine_ls_shell.R_factor_R_work                  ? 
_refine_ls_shell.percent_reflns_obs               ? 
_refine_ls_shell.R_factor_R_free                  ? 
_refine_ls_shell.R_factor_R_free_error            ? 
_refine_ls_shell.percent_reflns_R_free            ? 
_refine_ls_shell.number_reflns_R_free             ? 
_refine_ls_shell.pdbx_refine_id                   'X-RAY DIFFRACTION' 
_refine_ls_shell.redundancy_reflns_obs            ? 
_refine_ls_shell.number_reflns_all                ? 
_refine_ls_shell.number_reflns_obs                ? 
_refine_ls_shell.R_factor_all                     ? 
# 
_struct.entry_id                  315D 
_struct.title                     'CRYSTAL STRUCTURE OF AN ALTERNATING OCTAMER R(GUAUGUA)D(C) WITH ADJACENT G-U WOBBLE PAIRS' 
_struct.pdbx_model_details        ? 
_struct.pdbx_CASP_flag            ? 
_struct.pdbx_model_type_details   ? 
# 
_struct_keywords.entry_id        315D 
_struct_keywords.pdbx_keywords   'DNA-RNA HYBRID' 
_struct_keywords.text            'A-DNA/RNA, DOUBLE HELIX, DNA-RNA HYBRID' 
# 
loop_
_struct_asym.id 
_struct_asym.pdbx_blank_PDB_chainid_flag 
_struct_asym.pdbx_modified 
_struct_asym.entity_id 
_struct_asym.details 
A N N 1 ? 
B N N 1 ? 
C N N 2 ? 
D N N 2 ? 
# 
_struct_ref.id                         1 
_struct_ref.entity_id                  1 
_struct_ref.db_name                    PDB 
_struct_ref.db_code                    315D 
_struct_ref.pdbx_db_accession          315D 
_struct_ref.pdbx_align_begin           ? 
_struct_ref.pdbx_seq_one_letter_code   ? 
_struct_ref.pdbx_db_isoform            ? 
# 
loop_
_struct_ref_seq.align_id 
_struct_ref_seq.ref_id 
_struct_ref_seq.pdbx_PDB_id_code 
_struct_ref_seq.pdbx_strand_id 
_struct_ref_seq.seq_align_beg 
_struct_ref_seq.pdbx_seq_align_beg_ins_code 
_struct_ref_seq.seq_align_end 
_struct_ref_seq.pdbx_seq_align_end_ins_code 
_struct_ref_seq.pdbx_db_accession 
_struct_ref_seq.db_align_beg 
_struct_ref_seq.pdbx_db_align_beg_ins_code 
_struct_ref_seq.db_align_end 
_struct_ref_seq.pdbx_db_align_end_ins_code 
_struct_ref_seq.pdbx_auth_seq_align_beg 
_struct_ref_seq.pdbx_auth_seq_align_end 
1 1 315D A 1 ? 8 ? 315D 1 ? 8  ? 1 8  
2 1 315D B 1 ? 8 ? 315D 9 ? 16 ? 9 16 
# 
_pdbx_struct_assembly.id                   1 
_pdbx_struct_assembly.details              author_defined_assembly 
_pdbx_struct_assembly.method_details       ? 
_pdbx_struct_assembly.oligomeric_details   dimeric 
_pdbx_struct_assembly.oligomeric_count     2 
# 
_pdbx_struct_assembly_gen.assembly_id       1 
_pdbx_struct_assembly_gen.oper_expression   1 
_pdbx_struct_assembly_gen.asym_id_list      A,B,C,D 
# 
_pdbx_struct_oper_list.id                   1 
_pdbx_struct_oper_list.type                 'identity operation' 
_pdbx_struct_oper_list.name                 1_555 
_pdbx_struct_oper_list.symmetry_operation   x,y,z 
_pdbx_struct_oper_list.matrix[1][1]         1.0000000000 
_pdbx_struct_oper_list.matrix[1][2]         0.0000000000 
_pdbx_struct_oper_list.matrix[1][3]         0.0000000000 
_pdbx_struct_oper_list.vector[1]            0.0000000000 
_pdbx_struct_oper_list.matrix[2][1]         0.0000000000 
_pdbx_struct_oper_list.matrix[2][2]         1.0000000000 
_pdbx_struct_oper_list.matrix[2][3]         0.0000000000 
_pdbx_struct_oper_list.vector[2]            0.0000000000 
_pdbx_struct_oper_list.matrix[3][1]         0.0000000000 
_pdbx_struct_oper_list.matrix[3][2]         0.0000000000 
_pdbx_struct_oper_list.matrix[3][3]         1.0000000000 
_pdbx_struct_oper_list.vector[3]            0.0000000000 
# 
_struct_biol.id        1 
_struct_biol.details   ? 
# 
loop_
_struct_conn.id 
_struct_conn.conn_type_id 
_struct_conn.pdbx_leaving_atom_flag 
_struct_conn.pdbx_PDB_id 
_struct_conn.ptnr1_label_asym_id 
_struct_conn.ptnr1_label_comp_id 
_struct_conn.ptnr1_label_seq_id 
_struct_conn.ptnr1_label_atom_id 
_struct_conn.pdbx_ptnr1_label_alt_id 
_struct_conn.pdbx_ptnr1_PDB_ins_code 
_struct_conn.pdbx_ptnr1_standard_comp_id 
_struct_conn.ptnr1_symmetry 
_struct_conn.ptnr2_label_asym_id 
_struct_conn.ptnr2_label_comp_id 
_struct_conn.ptnr2_label_seq_id 
_struct_conn.ptnr2_label_atom_id 
_struct_conn.pdbx_ptnr2_label_alt_id 
_struct_conn.pdbx_ptnr2_PDB_ins_code 
_struct_conn.ptnr1_auth_asym_id 
_struct_conn.ptnr1_auth_comp_id 
_struct_conn.ptnr1_auth_seq_id 
_struct_conn.ptnr2_auth_asym_id 
_struct_conn.ptnr2_auth_comp_id 
_struct_conn.ptnr2_auth_seq_id 
_struct_conn.ptnr2_symmetry 
_struct_conn.pdbx_ptnr3_label_atom_id 
_struct_conn.pdbx_ptnr3_label_seq_id 
_struct_conn.pdbx_ptnr3_label_comp_id 
_struct_conn.pdbx_ptnr3_label_asym_id 
_struct_conn.pdbx_ptnr3_label_alt_id 
_struct_conn.pdbx_ptnr3_PDB_ins_code 
_struct_conn.details 
_struct_conn.pdbx_dist_value 
_struct_conn.pdbx_value_order 
_struct_conn.pdbx_role 
hydrog1  hydrog ? ? A G  1 N1 ? ? ? 1_555 B DC 8 N3 ? ? A G  1 B DC 16 1_555 ? ? ? ? ? ? WATSON-CRICK ? ? ? 
hydrog2  hydrog ? ? A G  1 N2 ? ? ? 1_555 B DC 8 O2 ? ? A G  1 B DC 16 1_555 ? ? ? ? ? ? WATSON-CRICK ? ? ? 
hydrog3  hydrog ? ? A G  1 O6 ? ? ? 1_555 B DC 8 N4 ? ? A G  1 B DC 16 1_555 ? ? ? ? ? ? WATSON-CRICK ? ? ? 
hydrog4  hydrog ? ? A U  2 N3 ? ? ? 1_555 B A  7 N1 ? ? A U  2 B A  15 1_555 ? ? ? ? ? ? WATSON-CRICK ? ? ? 
hydrog5  hydrog ? ? A U  2 O4 ? ? ? 1_555 B A  7 N6 ? ? A U  2 B A  15 1_555 ? ? ? ? ? ? WATSON-CRICK ? ? ? 
hydrog6  hydrog ? ? A A  3 N1 ? ? ? 1_555 B U  6 N3 ? ? A A  3 B U  14 1_555 ? ? ? ? ? ? WATSON-CRICK ? ? ? 
hydrog7  hydrog ? ? A A  3 N6 ? ? ? 1_555 B U  6 O4 ? ? A A  3 B U  14 1_555 ? ? ? ? ? ? WATSON-CRICK ? ? ? 
hydrog8  hydrog ? ? A U  4 N3 ? ? ? 1_555 B G  5 O6 ? ? A U  4 B G  13 1_555 ? ? ? ? ? ? TYPE_28_PAIR ? ? ? 
hydrog9  hydrog ? ? A U  4 O2 ? ? ? 1_555 B G  5 N1 ? ? A U  4 B G  13 1_555 ? ? ? ? ? ? TYPE_28_PAIR ? ? ? 
hydrog10 hydrog ? ? A G  5 N1 ? ? ? 1_555 B U  4 O2 ? ? A G  5 B U  12 1_555 ? ? ? ? ? ? TYPE_28_PAIR ? ? ? 
hydrog11 hydrog ? ? A G  5 O6 ? ? ? 1_555 B U  4 N3 ? ? A G  5 B U  12 1_555 ? ? ? ? ? ? TYPE_28_PAIR ? ? ? 
hydrog12 hydrog ? ? A U  6 N3 ? ? ? 1_555 B A  3 N1 ? ? A U  6 B A  11 1_555 ? ? ? ? ? ? WATSON-CRICK ? ? ? 
hydrog13 hydrog ? ? A U  6 O4 ? ? ? 1_555 B A  3 N6 ? ? A U  6 B A  11 1_555 ? ? ? ? ? ? WATSON-CRICK ? ? ? 
hydrog14 hydrog ? ? A A  7 N1 ? ? ? 1_555 B U  2 N3 ? ? A A  7 B U  10 1_555 ? ? ? ? ? ? WATSON-CRICK ? ? ? 
hydrog15 hydrog ? ? A A  7 N6 ? ? ? 1_555 B U  2 O4 ? ? A A  7 B U  10 1_555 ? ? ? ? ? ? WATSON-CRICK ? ? ? 
hydrog16 hydrog ? ? A DC 8 N3 ? ? ? 1_555 B G  1 N1 ? ? A DC 8 B G  9  1_555 ? ? ? ? ? ? WATSON-CRICK ? ? ? 
hydrog17 hydrog ? ? A DC 8 N4 ? ? ? 1_555 B G  1 O6 ? ? A DC 8 B G  9  1_555 ? ? ? ? ? ? WATSON-CRICK ? ? ? 
hydrog18 hydrog ? ? A DC 8 O2 ? ? ? 1_555 B G  1 N2 ? ? A DC 8 B G  9  1_555 ? ? ? ? ? ? WATSON-CRICK ? ? ? 
# 
_struct_conn_type.id          hydrog 
_struct_conn_type.criteria    ? 
_struct_conn_type.reference   ? 
# 
loop_
_pdbx_validate_rmsd_bond.id 
_pdbx_validate_rmsd_bond.PDB_model_num 
_pdbx_validate_rmsd_bond.auth_atom_id_1 
_pdbx_validate_rmsd_bond.auth_asym_id_1 
_pdbx_validate_rmsd_bond.auth_comp_id_1 
_pdbx_validate_rmsd_bond.auth_seq_id_1 
_pdbx_validate_rmsd_bond.PDB_ins_code_1 
_pdbx_validate_rmsd_bond.label_alt_id_1 
_pdbx_validate_rmsd_bond.auth_atom_id_2 
_pdbx_validate_rmsd_bond.auth_asym_id_2 
_pdbx_validate_rmsd_bond.auth_comp_id_2 
_pdbx_validate_rmsd_bond.auth_seq_id_2 
_pdbx_validate_rmsd_bond.PDB_ins_code_2 
_pdbx_validate_rmsd_bond.label_alt_id_2 
_pdbx_validate_rmsd_bond.bond_value 
_pdbx_validate_rmsd_bond.bond_target_value 
_pdbx_validate_rmsd_bond.bond_deviation 
_pdbx_validate_rmsd_bond.bond_standard_deviation 
_pdbx_validate_rmsd_bond.linker_flag 
1 1 "O3'" A A  7  ? ? P     A DC 8  ? ? 1.524 1.607 -0.083 0.012 Y 
2 1 "C5'" A DC 8  ? ? "C4'" A DC 8  ? ? 1.564 1.512 0.052  0.007 N 
3 1 "C2'" B A  11 ? ? "O2'" B A  11 ? ? 1.483 1.420 0.063  0.010 N 
4 1 P     B DC 16 ? ? "O5'" B DC 16 ? ? 1.663 1.593 0.070  0.010 N 
# 
loop_
_pdbx_validate_rmsd_angle.id 
_pdbx_validate_rmsd_angle.PDB_model_num 
_pdbx_validate_rmsd_angle.auth_atom_id_1 
_pdbx_validate_rmsd_angle.auth_asym_id_1 
_pdbx_validate_rmsd_angle.auth_comp_id_1 
_pdbx_validate_rmsd_angle.auth_seq_id_1 
_pdbx_validate_rmsd_angle.PDB_ins_code_1 
_pdbx_validate_rmsd_angle.label_alt_id_1 
_pdbx_validate_rmsd_angle.auth_atom_id_2 
_pdbx_validate_rmsd_angle.auth_asym_id_2 
_pdbx_validate_rmsd_angle.auth_comp_id_2 
_pdbx_validate_rmsd_angle.auth_seq_id_2 
_pdbx_validate_rmsd_angle.PDB_ins_code_2 
_pdbx_validate_rmsd_angle.label_alt_id_2 
_pdbx_validate_rmsd_angle.auth_atom_id_3 
_pdbx_validate_rmsd_angle.auth_asym_id_3 
_pdbx_validate_rmsd_angle.auth_comp_id_3 
_pdbx_validate_rmsd_angle.auth_seq_id_3 
_pdbx_validate_rmsd_angle.PDB_ins_code_3 
_pdbx_validate_rmsd_angle.label_alt_id_3 
_pdbx_validate_rmsd_angle.angle_value 
_pdbx_validate_rmsd_angle.angle_target_value 
_pdbx_validate_rmsd_angle.angle_deviation 
_pdbx_validate_rmsd_angle.angle_standard_deviation 
_pdbx_validate_rmsd_angle.linker_flag 
1 1 "O4'" A U  4  ? ? "C1'" A U  4  ? ? N1 A U  4  ? ? 114.95 108.50 6.45 0.70 N 
2 1 C2    A G  5  ? ? N3    A G  5  ? ? C4 A G  5  ? ? 115.01 111.90 3.11 0.50 N 
3 1 "O4'" B A  11 ? ? "C1'" B A  11 ? ? N9 B A  11 ? ? 116.24 108.50 7.74 0.70 N 
4 1 "O4'" B DC 16 ? ? "C1'" B DC 16 ? ? N1 B DC 16 ? ? 110.90 108.30 2.60 0.30 N 
# 
loop_
_pdbx_struct_special_symmetry.id 
_pdbx_struct_special_symmetry.PDB_model_num 
_pdbx_struct_special_symmetry.auth_asym_id 
_pdbx_struct_special_symmetry.auth_comp_id 
_pdbx_struct_special_symmetry.auth_seq_id 
_pdbx_struct_special_symmetry.PDB_ins_code 
_pdbx_struct_special_symmetry.label_asym_id 
_pdbx_struct_special_symmetry.label_comp_id 
_pdbx_struct_special_symmetry.label_seq_id 
1 1 A HOH 79 ? C HOH . 
2 1 A HOH 81 ? C HOH . 
3 1 A HOH 82 ? C HOH . 
4 1 B HOH 80 ? D HOH . 
5 1 B HOH 83 ? D HOH . 
6 1 B HOH 84 ? D HOH . 
7 1 B HOH 85 ? D HOH . 
# 
loop_
_refine_B_iso.class 
_refine_B_iso.details 
_refine_B_iso.treatment 
_refine_B_iso.pdbx_refine_id 
'ALL ATOMS'  TR isotropic 'X-RAY DIFFRACTION' 
'ALL WATERS' TR isotropic 'X-RAY DIFFRACTION' 
# 
loop_
_refine_occupancy.class 
_refine_occupancy.treatment 
_refine_occupancy.pdbx_refine_id 
'ALL ATOMS'  fix 'X-RAY DIFFRACTION' 
'ALL WATERS' fix 'X-RAY DIFFRACTION' 
# 
loop_
_chem_comp_atom.comp_id 
_chem_comp_atom.atom_id 
_chem_comp_atom.type_symbol 
_chem_comp_atom.pdbx_aromatic_flag 
_chem_comp_atom.pdbx_stereo_config 
_chem_comp_atom.pdbx_ordinal 
A   OP3    O N N 1   
A   P      P N N 2   
A   OP1    O N N 3   
A   OP2    O N N 4   
A   "O5'"  O N N 5   
A   "C5'"  C N N 6   
A   "C4'"  C N R 7   
A   "O4'"  O N N 8   
A   "C3'"  C N S 9   
A   "O3'"  O N N 10  
A   "C2'"  C N R 11  
A   "O2'"  O N N 12  
A   "C1'"  C N R 13  
A   N9     N Y N 14  
A   C8     C Y N 15  
A   N7     N Y N 16  
A   C5     C Y N 17  
A   C6     C Y N 18  
A   N6     N N N 19  
A   N1     N Y N 20  
A   C2     C Y N 21  
A   N3     N Y N 22  
A   C4     C Y N 23  
A   HOP3   H N N 24  
A   HOP2   H N N 25  
A   "H5'"  H N N 26  
A   "H5''" H N N 27  
A   "H4'"  H N N 28  
A   "H3'"  H N N 29  
A   "HO3'" H N N 30  
A   "H2'"  H N N 31  
A   "HO2'" H N N 32  
A   "H1'"  H N N 33  
A   H8     H N N 34  
A   H61    H N N 35  
A   H62    H N N 36  
A   H2     H N N 37  
DC  OP3    O N N 38  
DC  P      P N N 39  
DC  OP1    O N N 40  
DC  OP2    O N N 41  
DC  "O5'"  O N N 42  
DC  "C5'"  C N N 43  
DC  "C4'"  C N R 44  
DC  "O4'"  O N N 45  
DC  "C3'"  C N S 46  
DC  "O3'"  O N N 47  
DC  "C2'"  C N N 48  
DC  "C1'"  C N R 49  
DC  N1     N N N 50  
DC  C2     C N N 51  
DC  O2     O N N 52  
DC  N3     N N N 53  
DC  C4     C N N 54  
DC  N4     N N N 55  
DC  C5     C N N 56  
DC  C6     C N N 57  
DC  HOP3   H N N 58  
DC  HOP2   H N N 59  
DC  "H5'"  H N N 60  
DC  "H5''" H N N 61  
DC  "H4'"  H N N 62  
DC  "H3'"  H N N 63  
DC  "HO3'" H N N 64  
DC  "H2'"  H N N 65  
DC  "H2''" H N N 66  
DC  "H1'"  H N N 67  
DC  H41    H N N 68  
DC  H42    H N N 69  
DC  H5     H N N 70  
DC  H6     H N N 71  
G   OP3    O N N 72  
G   P      P N N 73  
G   OP1    O N N 74  
G   OP2    O N N 75  
G   "O5'"  O N N 76  
G   "C5'"  C N N 77  
G   "C4'"  C N R 78  
G   "O4'"  O N N 79  
G   "C3'"  C N S 80  
G   "O3'"  O N N 81  
G   "C2'"  C N R 82  
G   "O2'"  O N N 83  
G   "C1'"  C N R 84  
G   N9     N Y N 85  
G   C8     C Y N 86  
G   N7     N Y N 87  
G   C5     C Y N 88  
G   C6     C N N 89  
G   O6     O N N 90  
G   N1     N N N 91  
G   C2     C N N 92  
G   N2     N N N 93  
G   N3     N N N 94  
G   C4     C Y N 95  
G   HOP3   H N N 96  
G   HOP2   H N N 97  
G   "H5'"  H N N 98  
G   "H5''" H N N 99  
G   "H4'"  H N N 100 
G   "H3'"  H N N 101 
G   "HO3'" H N N 102 
G   "H2'"  H N N 103 
G   "HO2'" H N N 104 
G   "H1'"  H N N 105 
G   H8     H N N 106 
G   H1     H N N 107 
G   H21    H N N 108 
G   H22    H N N 109 
HOH O      O N N 110 
HOH H1     H N N 111 
HOH H2     H N N 112 
U   OP3    O N N 113 
U   P      P N N 114 
U   OP1    O N N 115 
U   OP2    O N N 116 
U   "O5'"  O N N 117 
U   "C5'"  C N N 118 
U   "C4'"  C N R 119 
U   "O4'"  O N N 120 
U   "C3'"  C N S 121 
U   "O3'"  O N N 122 
U   "C2'"  C N R 123 
U   "O2'"  O N N 124 
U   "C1'"  C N R 125 
U   N1     N N N 126 
U   C2     C N N 127 
U   O2     O N N 128 
U   N3     N N N 129 
U   C4     C N N 130 
U   O4     O N N 131 
U   C5     C N N 132 
U   C6     C N N 133 
U   HOP3   H N N 134 
U   HOP2   H N N 135 
U   "H5'"  H N N 136 
U   "H5''" H N N 137 
U   "H4'"  H N N 138 
U   "H3'"  H N N 139 
U   "HO3'" H N N 140 
U   "H2'"  H N N 141 
U   "HO2'" H N N 142 
U   "H1'"  H N N 143 
U   H3     H N N 144 
U   H5     H N N 145 
U   H6     H N N 146 
# 
loop_
_chem_comp_bond.comp_id 
_chem_comp_bond.atom_id_1 
_chem_comp_bond.atom_id_2 
_chem_comp_bond.value_order 
_chem_comp_bond.pdbx_aromatic_flag 
_chem_comp_bond.pdbx_stereo_config 
_chem_comp_bond.pdbx_ordinal 
A   OP3   P      sing N N 1   
A   OP3   HOP3   sing N N 2   
A   P     OP1    doub N N 3   
A   P     OP2    sing N N 4   
A   P     "O5'"  sing N N 5   
A   OP2   HOP2   sing N N 6   
A   "O5'" "C5'"  sing N N 7   
A   "C5'" "C4'"  sing N N 8   
A   "C5'" "H5'"  sing N N 9   
A   "C5'" "H5''" sing N N 10  
A   "C4'" "O4'"  sing N N 11  
A   "C4'" "C3'"  sing N N 12  
A   "C4'" "H4'"  sing N N 13  
A   "O4'" "C1'"  sing N N 14  
A   "C3'" "O3'"  sing N N 15  
A   "C3'" "C2'"  sing N N 16  
A   "C3'" "H3'"  sing N N 17  
A   "O3'" "HO3'" sing N N 18  
A   "C2'" "O2'"  sing N N 19  
A   "C2'" "C1'"  sing N N 20  
A   "C2'" "H2'"  sing N N 21  
A   "O2'" "HO2'" sing N N 22  
A   "C1'" N9     sing N N 23  
A   "C1'" "H1'"  sing N N 24  
A   N9    C8     sing Y N 25  
A   N9    C4     sing Y N 26  
A   C8    N7     doub Y N 27  
A   C8    H8     sing N N 28  
A   N7    C5     sing Y N 29  
A   C5    C6     sing Y N 30  
A   C5    C4     doub Y N 31  
A   C6    N6     sing N N 32  
A   C6    N1     doub Y N 33  
A   N6    H61    sing N N 34  
A   N6    H62    sing N N 35  
A   N1    C2     sing Y N 36  
A   C2    N3     doub Y N 37  
A   C2    H2     sing N N 38  
A   N3    C4     sing Y N 39  
DC  OP3   P      sing N N 40  
DC  OP3   HOP3   sing N N 41  
DC  P     OP1    doub N N 42  
DC  P     OP2    sing N N 43  
DC  P     "O5'"  sing N N 44  
DC  OP2   HOP2   sing N N 45  
DC  "O5'" "C5'"  sing N N 46  
DC  "C5'" "C4'"  sing N N 47  
DC  "C5'" "H5'"  sing N N 48  
DC  "C5'" "H5''" sing N N 49  
DC  "C4'" "O4'"  sing N N 50  
DC  "C4'" "C3'"  sing N N 51  
DC  "C4'" "H4'"  sing N N 52  
DC  "O4'" "C1'"  sing N N 53  
DC  "C3'" "O3'"  sing N N 54  
DC  "C3'" "C2'"  sing N N 55  
DC  "C3'" "H3'"  sing N N 56  
DC  "O3'" "HO3'" sing N N 57  
DC  "C2'" "C1'"  sing N N 58  
DC  "C2'" "H2'"  sing N N 59  
DC  "C2'" "H2''" sing N N 60  
DC  "C1'" N1     sing N N 61  
DC  "C1'" "H1'"  sing N N 62  
DC  N1    C2     sing N N 63  
DC  N1    C6     sing N N 64  
DC  C2    O2     doub N N 65  
DC  C2    N3     sing N N 66  
DC  N3    C4     doub N N 67  
DC  C4    N4     sing N N 68  
DC  C4    C5     sing N N 69  
DC  N4    H41    sing N N 70  
DC  N4    H42    sing N N 71  
DC  C5    C6     doub N N 72  
DC  C5    H5     sing N N 73  
DC  C6    H6     sing N N 74  
G   OP3   P      sing N N 75  
G   OP3   HOP3   sing N N 76  
G   P     OP1    doub N N 77  
G   P     OP2    sing N N 78  
G   P     "O5'"  sing N N 79  
G   OP2   HOP2   sing N N 80  
G   "O5'" "C5'"  sing N N 81  
G   "C5'" "C4'"  sing N N 82  
G   "C5'" "H5'"  sing N N 83  
G   "C5'" "H5''" sing N N 84  
G   "C4'" "O4'"  sing N N 85  
G   "C4'" "C3'"  sing N N 86  
G   "C4'" "H4'"  sing N N 87  
G   "O4'" "C1'"  sing N N 88  
G   "C3'" "O3'"  sing N N 89  
G   "C3'" "C2'"  sing N N 90  
G   "C3'" "H3'"  sing N N 91  
G   "O3'" "HO3'" sing N N 92  
G   "C2'" "O2'"  sing N N 93  
G   "C2'" "C1'"  sing N N 94  
G   "C2'" "H2'"  sing N N 95  
G   "O2'" "HO2'" sing N N 96  
G   "C1'" N9     sing N N 97  
G   "C1'" "H1'"  sing N N 98  
G   N9    C8     sing Y N 99  
G   N9    C4     sing Y N 100 
G   C8    N7     doub Y N 101 
G   C8    H8     sing N N 102 
G   N7    C5     sing Y N 103 
G   C5    C6     sing N N 104 
G   C5    C4     doub Y N 105 
G   C6    O6     doub N N 106 
G   C6    N1     sing N N 107 
G   N1    C2     sing N N 108 
G   N1    H1     sing N N 109 
G   C2    N2     sing N N 110 
G   C2    N3     doub N N 111 
G   N2    H21    sing N N 112 
G   N2    H22    sing N N 113 
G   N3    C4     sing N N 114 
HOH O     H1     sing N N 115 
HOH O     H2     sing N N 116 
U   OP3   P      sing N N 117 
U   OP3   HOP3   sing N N 118 
U   P     OP1    doub N N 119 
U   P     OP2    sing N N 120 
U   P     "O5'"  sing N N 121 
U   OP2   HOP2   sing N N 122 
U   "O5'" "C5'"  sing N N 123 
U   "C5'" "C4'"  sing N N 124 
U   "C5'" "H5'"  sing N N 125 
U   "C5'" "H5''" sing N N 126 
U   "C4'" "O4'"  sing N N 127 
U   "C4'" "C3'"  sing N N 128 
U   "C4'" "H4'"  sing N N 129 
U   "O4'" "C1'"  sing N N 130 
U   "C3'" "O3'"  sing N N 131 
U   "C3'" "C2'"  sing N N 132 
U   "C3'" "H3'"  sing N N 133 
U   "O3'" "HO3'" sing N N 134 
U   "C2'" "O2'"  sing N N 135 
U   "C2'" "C1'"  sing N N 136 
U   "C2'" "H2'"  sing N N 137 
U   "O2'" "HO2'" sing N N 138 
U   "C1'" N1     sing N N 139 
U   "C1'" "H1'"  sing N N 140 
U   N1    C2     sing N N 141 
U   N1    C6     sing N N 142 
U   C2    O2     doub N N 143 
U   C2    N3     sing N N 144 
U   N3    C4     sing N N 145 
U   N3    H3     sing N N 146 
U   C4    O4     doub N N 147 
U   C4    C5     sing N N 148 
U   C5    C6     doub N N 149 
U   C5    H5     sing N N 150 
U   C6    H6     sing N N 151 
# 
loop_
_ndb_struct_conf_na.entry_id 
_ndb_struct_conf_na.feature 
315D 'double helix'         
315D 'a-form double helix'  
315D 'mismatched base pair' 
# 
loop_
_ndb_struct_na_base_pair.model_number 
_ndb_struct_na_base_pair.i_label_asym_id 
_ndb_struct_na_base_pair.i_label_comp_id 
_ndb_struct_na_base_pair.i_label_seq_id 
_ndb_struct_na_base_pair.i_symmetry 
_ndb_struct_na_base_pair.j_label_asym_id 
_ndb_struct_na_base_pair.j_label_comp_id 
_ndb_struct_na_base_pair.j_label_seq_id 
_ndb_struct_na_base_pair.j_symmetry 
_ndb_struct_na_base_pair.shear 
_ndb_struct_na_base_pair.stretch 
_ndb_struct_na_base_pair.stagger 
_ndb_struct_na_base_pair.buckle 
_ndb_struct_na_base_pair.propeller 
_ndb_struct_na_base_pair.opening 
_ndb_struct_na_base_pair.pair_number 
_ndb_struct_na_base_pair.pair_name 
_ndb_struct_na_base_pair.i_auth_asym_id 
_ndb_struct_na_base_pair.i_auth_seq_id 
_ndb_struct_na_base_pair.i_PDB_ins_code 
_ndb_struct_na_base_pair.j_auth_asym_id 
_ndb_struct_na_base_pair.j_auth_seq_id 
_ndb_struct_na_base_pair.j_PDB_ins_code 
_ndb_struct_na_base_pair.hbond_type_28 
_ndb_struct_na_base_pair.hbond_type_12 
1 A G  1 1_555 B DC 8 1_555 -0.386 -0.197 -0.100 -1.991 -4.542  -2.309 1 A_G1:DC16_B A 1 ? B 16 ? 19 1 
1 A U  2 1_555 B A  7 1_555 0.005  -0.174 -0.001 -3.297 -13.281 4.621  2 A_U2:A15_B  A 2 ? B 15 ? 20 1 
1 A A  3 1_555 B U  6 1_555 0.024  -0.154 0.221  -6.048 -12.872 0.280  3 A_A3:U14_B  A 3 ? B 14 ? 20 1 
1 A U  4 1_555 B G  5 1_555 2.308  -0.537 0.414  -6.887 -9.438  -2.409 4 A_U4:G13_B  A 4 ? B 13 ? 28 ? 
1 A G  5 1_555 B U  4 1_555 -2.442 -0.568 -0.184 -6.087 -9.057  -1.804 5 A_G5:U12_B  A 5 ? B 12 ? 28 ? 
1 A U  6 1_555 B A  3 1_555 0.089  -0.132 0.029  -6.568 -10.876 -0.912 6 A_U6:A11_B  A 6 ? B 11 ? 20 1 
1 A A  7 1_555 B U  2 1_555 -0.025 -0.197 0.073  -2.867 -7.111  3.780  7 A_A7:U10_B  A 7 ? B 10 ? 20 1 
1 A DC 8 1_555 B G  1 1_555 0.127  -0.157 0.019  0.517  -8.130  -1.826 8 A_DC8:G9_B  A 8 ? B 9  ? 19 1 
# 
loop_
_ndb_struct_na_base_pair_step.model_number 
_ndb_struct_na_base_pair_step.i_label_asym_id_1 
_ndb_struct_na_base_pair_step.i_label_comp_id_1 
_ndb_struct_na_base_pair_step.i_label_seq_id_1 
_ndb_struct_na_base_pair_step.i_symmetry_1 
_ndb_struct_na_base_pair_step.j_label_asym_id_1 
_ndb_struct_na_base_pair_step.j_label_comp_id_1 
_ndb_struct_na_base_pair_step.j_label_seq_id_1 
_ndb_struct_na_base_pair_step.j_symmetry_1 
_ndb_struct_na_base_pair_step.i_label_asym_id_2 
_ndb_struct_na_base_pair_step.i_label_comp_id_2 
_ndb_struct_na_base_pair_step.i_label_seq_id_2 
_ndb_struct_na_base_pair_step.i_symmetry_2 
_ndb_struct_na_base_pair_step.j_label_asym_id_2 
_ndb_struct_na_base_pair_step.j_label_comp_id_2 
_ndb_struct_na_base_pair_step.j_label_seq_id_2 
_ndb_struct_na_base_pair_step.j_symmetry_2 
_ndb_struct_na_base_pair_step.shift 
_ndb_struct_na_base_pair_step.slide 
_ndb_struct_na_base_pair_step.rise 
_ndb_struct_na_base_pair_step.tilt 
_ndb_struct_na_base_pair_step.roll 
_ndb_struct_na_base_pair_step.twist 
_ndb_struct_na_base_pair_step.x_displacement 
_ndb_struct_na_base_pair_step.y_displacement 
_ndb_struct_na_base_pair_step.helical_rise 
_ndb_struct_na_base_pair_step.inclination 
_ndb_struct_na_base_pair_step.tip 
_ndb_struct_na_base_pair_step.helical_twist 
_ndb_struct_na_base_pair_step.step_number 
_ndb_struct_na_base_pair_step.step_name 
_ndb_struct_na_base_pair_step.i_auth_asym_id_1 
_ndb_struct_na_base_pair_step.i_auth_seq_id_1 
_ndb_struct_na_base_pair_step.i_PDB_ins_code_1 
_ndb_struct_na_base_pair_step.j_auth_asym_id_1 
_ndb_struct_na_base_pair_step.j_auth_seq_id_1 
_ndb_struct_na_base_pair_step.j_PDB_ins_code_1 
_ndb_struct_na_base_pair_step.i_auth_asym_id_2 
_ndb_struct_na_base_pair_step.i_auth_seq_id_2 
_ndb_struct_na_base_pair_step.i_PDB_ins_code_2 
_ndb_struct_na_base_pair_step.j_auth_asym_id_2 
_ndb_struct_na_base_pair_step.j_auth_seq_id_2 
_ndb_struct_na_base_pair_step.j_PDB_ins_code_2 
1 A G 1 1_555 B DC 8 1_555 A U  2 1_555 B A 7 1_555 0.071  -1.750 3.420 -0.289 2.661  33.469 -3.477  -0.171 3.274 4.611  0.500   
33.572 1 AA_G1U2:A15DC16_BB A 1 ? B 16 ? A 2 ? B 15 ? 
1 A U 2 1_555 B A  7 1_555 A A  3 1_555 B U 6 1_555 -0.280 -1.658 3.197 -1.957 12.275 32.403 -4.469  0.202  2.440 21.055 3.358   
34.646 2 AA_U2A3:U14A15_BB  A 2 ? B 15 ? A 3 ? B 14 ? 
1 A A 3 1_555 B U  6 1_555 A U  4 1_555 B G 5 1_555 -0.001 -1.267 3.457 1.128  4.236  38.895 -2.418  0.142  3.305 6.337  -1.688  
39.131 3 AA_A3U4:G13U14_BB  A 3 ? B 14 ? A 4 ? B 13 ? 
1 A U 4 1_555 B G  5 1_555 A G  5 1_555 B U 4 1_555 0.891  -2.884 3.036 4.118  8.876  11.351 -16.065 -1.098 0.845 37.082 -17.202 
14.976 4 AA_U4G5:U12G13_BB  A 4 ? B 13 ? A 5 ? B 12 ? 
1 A G 5 1_555 B U  4 1_555 A U  6 1_555 B A 3 1_555 -0.147 -1.631 3.479 0.177  0.914  39.688 -2.514  0.238  3.441 1.346  -0.261  
39.698 5 AA_G5U6:A11U12_BB  A 5 ? B 12 ? A 6 ? B 11 ? 
1 A U 6 1_555 B A  3 1_555 A A  7 1_555 B U 2 1_555 -0.207 -1.398 3.109 -0.582 11.504 31.055 -4.164  0.278  2.453 20.619 1.044   
33.073 6 AA_U6A7:U10A11_BB  A 6 ? B 11 ? A 7 ? B 10 ? 
1 A A 7 1_555 B U  2 1_555 A DC 8 1_555 B G 1 1_555 0.009  -1.219 3.372 0.532  4.754  32.686 -2.954  0.075  3.168 8.391  -0.938  
33.025 7 AA_A7DC8:G9U10_BB  A 7 ? B 10 ? A 8 ? B 9  ? 
# 
_pdbx_initial_refinement_model.accession_code   246D 
_pdbx_initial_refinement_model.id               1 
_pdbx_initial_refinement_model.entity_id_list   ? 
_pdbx_initial_refinement_model.type             'experimental model' 
_pdbx_initial_refinement_model.source_name      PDB 
_pdbx_initial_refinement_model.details          AHH071 
# 
_atom_sites.entry_id                    315D 
_atom_sites.Cartn_transform_axes        ? 
_atom_sites.fract_transf_matrix[1][1]   0.02633525 
_atom_sites.fract_transf_matrix[1][2]   0.00900143 
_atom_sites.fract_transf_matrix[1][3]   0.00842583 
_atom_sites.fract_transf_matrix[2][1]   0.00249277 
_atom_sites.fract_transf_matrix[2][2]   0.02071478 
_atom_sites.fract_transf_matrix[2][3]   0.02025374 
_atom_sites.fract_transf_matrix[3][1]   0.00015577 
_atom_sites.fract_transf_matrix[3][2]   -0.01026767 
_atom_sites.fract_transf_matrix[3][3]   0.01048222 
_atom_sites.fract_transf_vector[1]      0.916770 
_atom_sites.fract_transf_vector[2]      0.269615 
_atom_sites.fract_transf_vector[3]      -0.035524 
# 
loop_
_atom_type.symbol 
C 
N 
O 
P 
# 
loop_
_atom_site.group_PDB 
_atom_site.id 
_atom_site.type_symbol 
_atom_site.label_atom_id 
_atom_site.label_alt_id 
_atom_site.label_comp_id 
_atom_site.label_asym_id 
_atom_site.label_entity_id 
_atom_site.label_seq_id 
_atom_site.pdbx_PDB_ins_code 
_atom_site.Cartn_x 
_atom_site.Cartn_y 
_atom_site.Cartn_z 
_atom_site.occupancy 
_atom_site.B_iso_or_equiv 
_atom_site.pdbx_formal_charge 
_atom_site.auth_seq_id 
_atom_site.auth_comp_id 
_atom_site.auth_asym_id 
_atom_site.auth_atom_id 
_atom_site.pdbx_PDB_model_num 
ATOM   1   O "O5'" . G   A 1 1 ? 7.090   9.978   1.035   1.00 10.75 ? 1  G   A "O5'" 1 
ATOM   2   C "C5'" . G   A 1 1 ? 7.284   11.093  1.892   1.00 9.97  ? 1  G   A "C5'" 1 
ATOM   3   C "C4'" . G   A 1 1 ? 6.130   12.102  1.821   1.00 8.37  ? 1  G   A "C4'" 1 
ATOM   4   O "O4'" . G   A 1 1 ? 5.903   12.563  0.505   1.00 9.34  ? 1  G   A "O4'" 1 
ATOM   5   C "C3'" . G   A 1 1 ? 4.794   11.455  2.193   1.00 8.29  ? 1  G   A "C3'" 1 
ATOM   6   O "O3'" . G   A 1 1 ? 4.699   11.377  3.604   1.00 8.30  ? 1  G   A "O3'" 1 
ATOM   7   C "C2'" . G   A 1 1 ? 3.791   12.406  1.606   1.00 8.01  ? 1  G   A "C2'" 1 
ATOM   8   O "O2'" . G   A 1 1 ? 3.746   13.605  2.397   1.00 6.89  ? 1  G   A "O2'" 1 
ATOM   9   C "C1'" . G   A 1 1 ? 4.463   12.652  0.268   1.00 9.30  ? 1  G   A "C1'" 1 
ATOM   10  N N9    . G   A 1 1 ? 4.040   11.705  -0.809  1.00 9.50  ? 1  G   A N9    1 
ATOM   11  C C8    . G   A 1 1 ? 4.759   10.772  -1.537  1.00 9.65  ? 1  G   A C8    1 
ATOM   12  N N7    . G   A 1 1 ? 4.036   10.141  -2.447  1.00 9.16  ? 1  G   A N7    1 
ATOM   13  C C5    . G   A 1 1 ? 2.757   10.675  -2.316  1.00 7.96  ? 1  G   A C5    1 
ATOM   14  C C6    . G   A 1 1 ? 1.560   10.370  -3.019  1.00 7.45  ? 1  G   A C6    1 
ATOM   15  O O6    . G   A 1 1 ? 1.377   9.480   -3.850  1.00 6.32  ? 1  G   A O6    1 
ATOM   16  N N1    . G   A 1 1 ? 0.488   11.163  -2.573  1.00 5.42  ? 1  G   A N1    1 
ATOM   17  C C2    . G   A 1 1 ? 0.560   12.111  -1.560  1.00 8.88  ? 1  G   A C2    1 
ATOM   18  N N2    . G   A 1 1 ? -0.531  12.814  -1.245  1.00 5.70  ? 1  G   A N2    1 
ATOM   19  N N3    . G   A 1 1 ? 1.688   12.377  -0.898  1.00 7.97  ? 1  G   A N3    1 
ATOM   20  C C4    . G   A 1 1 ? 2.743   11.626  -1.323  1.00 9.70  ? 1  G   A C4    1 
ATOM   21  P P     . U   A 1 2 ? 4.008   10.189  4.343   1.00 8.90  ? 2  U   A P     1 
ATOM   22  O OP1   . U   A 1 2 ? 4.208   10.297  5.796   1.00 11.62 ? 2  U   A OP1   1 
ATOM   23  O OP2   . U   A 1 2 ? 4.280   8.906   3.658   1.00 11.74 ? 2  U   A OP2   1 
ATOM   24  O "O5'" . U   A 1 2 ? 2.479   10.539  4.031   1.00 11.51 ? 2  U   A "O5'" 1 
ATOM   25  C "C5'" . U   A 1 2 ? 1.823   11.645  4.679   1.00 7.61  ? 2  U   A "C5'" 1 
ATOM   26  C "C4'" . U   A 1 2 ? 0.422   11.831  4.091   1.00 7.63  ? 2  U   A "C4'" 1 
ATOM   27  O "O4'" . U   A 1 2 ? 0.428   12.030  2.658   1.00 6.35  ? 2  U   A "O4'" 1 
ATOM   28  C "C3'" . U   A 1 2 ? -0.432  10.617  4.349   1.00 6.47  ? 2  U   A "C3'" 1 
ATOM   29  O "O3'" . U   A 1 2 ? -0.925  10.558  5.689   1.00 6.74  ? 2  U   A "O3'" 1 
ATOM   30  C "C2'" . U   A 1 2 ? -1.512  10.826  3.322   1.00 7.21  ? 2  U   A "C2'" 1 
ATOM   31  O "O2'" . U   A 1 2 ? -2.420  11.818  3.821   1.00 8.34  ? 2  U   A "O2'" 1 
ATOM   32  C "C1'" . U   A 1 2 ? -0.711  11.319  2.116   1.00 7.41  ? 2  U   A "C1'" 1 
ATOM   33  N N1    . U   A 1 2 ? -0.265  10.206  1.223   1.00 8.25  ? 2  U   A N1    1 
ATOM   34  C C2    . U   A 1 2 ? -1.205  9.680   0.338   1.00 9.84  ? 2  U   A C2    1 
ATOM   35  O O2    . U   A 1 2 ? -2.370  10.066  0.327   1.00 8.56  ? 2  U   A O2    1 
ATOM   36  N N3    . U   A 1 2 ? -0.774  8.674   -0.514  1.00 8.04  ? 2  U   A N3    1 
ATOM   37  C C4    . U   A 1 2 ? 0.505   8.127   -0.544  1.00 10.43 ? 2  U   A C4    1 
ATOM   38  O O4    . U   A 1 2 ? 0.795   7.247   -1.363  1.00 8.67  ? 2  U   A O4    1 
ATOM   39  C C5    . U   A 1 2 ? 1.423   8.722   0.415   1.00 7.81  ? 2  U   A C5    1 
ATOM   40  C C6    . U   A 1 2 ? 1.021   9.704   1.248   1.00 9.22  ? 2  U   A C6    1 
ATOM   41  P P     . A   A 1 3 ? -1.227  9.132   6.293   1.00 7.79  ? 3  A   A P     1 
ATOM   42  O OP1   . A   A 1 3 ? -1.601  9.242   7.710   1.00 11.14 ? 3  A   A OP1   1 
ATOM   43  O OP2   . A   A 1 3 ? -0.178  8.153   5.918   1.00 9.55  ? 3  A   A OP2   1 
ATOM   44  O "O5'" . A   A 1 3 ? -2.546  8.684   5.487   1.00 6.93  ? 3  A   A "O5'" 1 
ATOM   45  C "C5'" . A   A 1 3 ? -3.793  9.321   5.726   1.00 6.52  ? 3  A   A "C5'" 1 
ATOM   46  C "C4'" . A   A 1 3 ? -4.874  8.723   4.825   1.00 3.15  ? 3  A   A "C4'" 1 
ATOM   47  O "O4'" . A   A 1 3 ? -4.627  8.987   3.453   1.00 4.35  ? 3  A   A "O4'" 1 
ATOM   48  C "C3'" . A   A 1 3 ? -5.075  7.211   4.969   1.00 3.85  ? 3  A   A "C3'" 1 
ATOM   49  O "O3'" . A   A 1 3 ? -5.845  6.809   6.103   1.00 2.99  ? 3  A   A "O3'" 1 
ATOM   50  C "C2'" . A   A 1 3 ? -5.815  6.917   3.706   1.00 3.23  ? 3  A   A "C2'" 1 
ATOM   51  O "O2'" . A   A 1 3 ? -7.216  7.312   3.756   1.00 2.11  ? 3  A   A "O2'" 1 
ATOM   52  C "C1'" . A   A 1 3 ? -5.047  7.809   2.736   1.00 4.58  ? 3  A   A "C1'" 1 
ATOM   53  N N9    . A   A 1 3 ? -3.895  7.071   2.120   1.00 6.45  ? 3  A   A N9    1 
ATOM   54  C C8    . A   A 1 3 ? -2.525  7.133   2.400   1.00 5.24  ? 3  A   A C8    1 
ATOM   55  N N7    . A   A 1 3 ? -1.793  6.381   1.615   1.00 4.89  ? 3  A   A N7    1 
ATOM   56  C C5    . A   A 1 3 ? -2.722  5.774   0.764   1.00 5.18  ? 3  A   A C5    1 
ATOM   57  C C6    . A   A 1 3 ? -2.574  4.864   -0.298  1.00 5.06  ? 3  A   A C6    1 
ATOM   58  N N6    . A   A 1 3 ? -1.386  4.383   -0.644  1.00 3.47  ? 3  A   A N6    1 
ATOM   59  N N1    . A   A 1 3 ? -3.695  4.471   -0.943  1.00 6.04  ? 3  A   A N1    1 
ATOM   60  C C2    . A   A 1 3 ? -4.886  4.942   -0.570  1.00 6.60  ? 3  A   A C2    1 
ATOM   61  N N3    . A   A 1 3 ? -5.152  5.797   0.415   1.00 6.35  ? 3  A   A N3    1 
ATOM   62  C C4    . A   A 1 3 ? -4.002  6.184   1.053   1.00 6.32  ? 3  A   A C4    1 
ATOM   63  P P     . U   A 1 4 ? -5.512  5.567   6.968   1.00 5.97  ? 4  U   A P     1 
ATOM   64  O OP1   . U   A 1 4 ? -6.317  5.643   8.194   1.00 4.75  ? 4  U   A OP1   1 
ATOM   65  O OP2   . U   A 1 4 ? -4.031  5.403   7.030   1.00 6.11  ? 4  U   A OP2   1 
ATOM   66  O "O5'" . U   A 1 4 ? -6.111  4.342   6.138   1.00 5.33  ? 4  U   A "O5'" 1 
ATOM   67  C "C5'" . U   A 1 4 ? -7.505  4.238   5.818   1.00 4.92  ? 4  U   A "C5'" 1 
ATOM   68  C "C4'" . U   A 1 4 ? -7.710  3.383   4.541   1.00 3.56  ? 4  U   A "C4'" 1 
ATOM   69  O "O4'" . U   A 1 4 ? -7.009  3.887   3.392   1.00 4.74  ? 4  U   A "O4'" 1 
ATOM   70  C "C3'" . U   A 1 4 ? -7.221  1.964   4.674   1.00 3.33  ? 4  U   A "C3'" 1 
ATOM   71  O "O3'" . U   A 1 4 ? -8.227  1.220   5.332   1.00 3.61  ? 4  U   A "O3'" 1 
ATOM   72  C "C2'" . U   A 1 4 ? -7.047  1.517   3.248   1.00 4.69  ? 4  U   A "C2'" 1 
ATOM   73  O "O2'" . U   A 1 4 ? -8.351  1.250   2.607   1.00 4.19  ? 4  U   A "O2'" 1 
ATOM   74  C "C1'" . U   A 1 4 ? -6.455  2.785   2.638   1.00 5.73  ? 4  U   A "C1'" 1 
ATOM   75  N N1    . U   A 1 4 ? -4.978  2.750   2.577   1.00 7.85  ? 4  U   A N1    1 
ATOM   76  C C2    . U   A 1 4 ? -4.382  1.980   1.551   1.00 8.94  ? 4  U   A C2    1 
ATOM   77  O O2    . U   A 1 4 ? -5.001  1.371   0.679   1.00 8.20  ? 4  U   A O2    1 
ATOM   78  N N3    . U   A 1 4 ? -3.004  1.940   1.535   1.00 8.74  ? 4  U   A N3    1 
ATOM   79  C C4    . U   A 1 4 ? -2.172  2.579   2.427   1.00 9.30  ? 4  U   A C4    1 
ATOM   80  O O4    . U   A 1 4 ? -0.974  2.354   2.361   1.00 6.93  ? 4  U   A O4    1 
ATOM   81  C C5    . U   A 1 4 ? -2.852  3.364   3.462   1.00 8.08  ? 4  U   A C5    1 
ATOM   82  C C6    . U   A 1 4 ? -4.204  3.429   3.502   1.00 9.41  ? 4  U   A C6    1 
ATOM   83  P P     . G   A 1 5 ? -7.983  -0.169  6.096   1.00 6.25  ? 5  G   A P     1 
ATOM   84  O OP1   . G   A 1 5 ? -9.253  -0.390  6.760   1.00 5.45  ? 5  G   A OP1   1 
ATOM   85  O OP2   . G   A 1 5 ? -6.711  -0.082  6.861   1.00 7.12  ? 5  G   A OP2   1 
ATOM   86  O "O5'" . G   A 1 5 ? -7.722  -1.096  4.753   1.00 6.98  ? 5  G   A "O5'" 1 
ATOM   87  C "C5'" . G   A 1 5 ? -6.914  -2.265  4.766   1.00 5.12  ? 5  G   A "C5'" 1 
ATOM   88  C "C4'" . G   A 1 5 ? -6.975  -2.791  3.363   1.00 5.26  ? 5  G   A "C4'" 1 
ATOM   89  O "O4'" . G   A 1 5 ? -6.577  -1.854  2.371   1.00 3.47  ? 5  G   A "O4'" 1 
ATOM   90  C "C3'" . G   A 1 5 ? -6.153  -4.029  3.140   1.00 3.82  ? 5  G   A "C3'" 1 
ATOM   91  O "O3'" . G   A 1 5 ? -6.870  -5.151  3.637   1.00 4.64  ? 5  G   A "O3'" 1 
ATOM   92  C "C2'" . G   A 1 5 ? -6.040  -4.039  1.638   1.00 3.02  ? 5  G   A "C2'" 1 
ATOM   93  O "O2'" . G   A 1 5 ? -7.265  -4.504  1.030   1.00 6.04  ? 5  G   A "O2'" 1 
ATOM   94  C "C1'" . G   A 1 5 ? -5.807  -2.554  1.366   1.00 5.83  ? 5  G   A "C1'" 1 
ATOM   95  N N9    . G   A 1 5 ? -4.380  -2.182  1.428   1.00 5.05  ? 5  G   A N9    1 
ATOM   96  C C8    . G   A 1 5 ? -3.704  -1.372  2.331   1.00 5.75  ? 5  G   A C8    1 
ATOM   97  N N7    . G   A 1 5 ? -2.414  -1.255  2.074   1.00 5.66  ? 5  G   A N7    1 
ATOM   98  C C5    . G   A 1 5 ? -2.222  -2.043  0.945   1.00 4.77  ? 5  G   A C5    1 
ATOM   99  C C6    . G   A 1 5 ? -1.027  -2.397  0.254   1.00 5.25  ? 5  G   A C6    1 
ATOM   100 O O6    . G   A 1 5 ? 0.115   -2.038  0.521   1.00 3.60  ? 5  G   A O6    1 
ATOM   101 N N1    . G   A 1 5 ? -1.272  -3.302  -0.811  1.00 3.65  ? 5  G   A N1    1 
ATOM   102 C C2    . G   A 1 5 ? -2.514  -3.790  -1.155  1.00 5.96  ? 5  G   A C2    1 
ATOM   103 N N2    . G   A 1 5 ? -2.626  -4.607  -2.218  1.00 5.18  ? 5  G   A N2    1 
ATOM   104 N N3    . G   A 1 5 ? -3.607  -3.458  -0.485  1.00 5.97  ? 5  G   A N3    1 
ATOM   105 C C4    . G   A 1 5 ? -3.409  -2.598  0.540   1.00 5.81  ? 5  G   A C4    1 
ATOM   106 P P     . U   A 1 6 ? -6.134  -6.286  4.398   1.00 7.37  ? 6  U   A P     1 
ATOM   107 O OP1   . U   A 1 6 ? -7.091  -7.317  4.858   1.00 8.35  ? 6  U   A OP1   1 
ATOM   108 O OP2   . U   A 1 6 ? -5.114  -5.687  5.311   1.00 10.28 ? 6  U   A OP2   1 
ATOM   109 O "O5'" . U   A 1 6 ? -5.305  -6.940  3.169   1.00 7.17  ? 6  U   A "O5'" 1 
ATOM   110 C "C5'" . U   A 1 6 ? -5.945  -7.724  2.124   1.00 3.72  ? 6  U   A "C5'" 1 
ATOM   111 C "C4'" . U   A 1 6 ? -4.903  -8.010  1.043   1.00 3.87  ? 6  U   A "C4'" 1 
ATOM   112 O "O4'" . U   A 1 6 ? -4.274  -6.808  0.566   1.00 3.59  ? 6  U   A "O4'" 1 
ATOM   113 C "C3'" . U   A 1 6 ? -3.751  -8.871  1.483   1.00 3.71  ? 6  U   A "C3'" 1 
ATOM   114 O "O3'" . U   A 1 6 ? -4.154  -10.237 1.659   1.00 6.48  ? 6  U   A "O3'" 1 
ATOM   115 C "C2'" . U   A 1 6 ? -2.799  -8.632  0.316   1.00 3.99  ? 6  U   A "C2'" 1 
ATOM   116 O "O2'" . U   A 1 6 ? -3.273  -9.225  -0.916  1.00 3.48  ? 6  U   A "O2'" 1 
ATOM   117 C "C1'" . U   A 1 6 ? -2.890  -7.109  0.215   1.00 4.56  ? 6  U   A "C1'" 1 
ATOM   118 N N1    . U   A 1 6 ? -1.917  -6.383  1.073   1.00 5.65  ? 6  U   A N1    1 
ATOM   119 C C2    . U   A 1 6 ? -0.585  -6.371  0.646   1.00 8.23  ? 6  U   A C2    1 
ATOM   120 O O2    . U   A 1 6 ? -0.231  -6.978  -0.359  1.00 6.81  ? 6  U   A O2    1 
ATOM   121 N N3    . U   A 1 6 ? 0.314   -5.634  1.412   1.00 6.16  ? 6  U   A N3    1 
ATOM   122 C C4    . U   A 1 6 ? -0.036  -4.914  2.585   1.00 8.56  ? 6  U   A C4    1 
ATOM   123 O O4    . U   A 1 6 ? 0.794   -4.243  3.194   1.00 7.94  ? 6  U   A O4    1 
ATOM   124 C C5    . U   A 1 6 ? -1.434  -4.997  2.958   1.00 6.78  ? 6  U   A C5    1 
ATOM   125 C C6    . U   A 1 6 ? -2.301  -5.707  2.215   1.00 6.59  ? 6  U   A C6    1 
ATOM   126 P P     . A   A 1 7 ? -3.408  -11.223 2.643   1.00 9.75  ? 7  A   A P     1 
ATOM   127 O OP1   . A   A 1 7 ? -4.181  -12.467 2.687   1.00 10.73 ? 7  A   A OP1   1 
ATOM   128 O OP2   . A   A 1 7 ? -3.097  -10.570 3.929   1.00 11.21 ? 7  A   A OP2   1 
ATOM   129 O "O5'" . A   A 1 7 ? -1.983  -11.520 1.969   1.00 7.78  ? 7  A   A "O5'" 1 
ATOM   130 C "C5'" . A   A 1 7 ? -1.943  -12.338 0.802   1.00 6.08  ? 7  A   A "C5'" 1 
ATOM   131 C "C4'" . A   A 1 7 ? -0.545  -12.339 0.249   1.00 5.57  ? 7  A   A "C4'" 1 
ATOM   132 O "O4'" . A   A 1 7 ? -0.076  -11.007 -0.024  1.00 3.71  ? 7  A   A "O4'" 1 
ATOM   133 C "C3'" . A   A 1 7 ? 0.476   -12.954 1.177   1.00 4.73  ? 7  A   A "C3'" 1 
ATOM   134 O "O3'" . A   A 1 7 ? 0.433   -14.375 1.160   1.00 2.36  ? 7  A   A "O3'" 1 
ATOM   135 C "C2'" . A   A 1 7 ? 1.760   -12.418 0.582   1.00 6.02  ? 7  A   A "C2'" 1 
ATOM   136 O "O2'" . A   A 1 7 ? 2.104   -13.059 -0.668  1.00 4.88  ? 7  A   A "O2'" 1 
ATOM   137 C "C1'" . A   A 1 7 ? 1.338   -10.971 0.274   1.00 5.01  ? 7  A   A "C1'" 1 
ATOM   138 N N9    . A   A 1 7 ? 1.537   -10.011 1.382   1.00 7.16  ? 7  A   A N9    1 
ATOM   139 C C8    . A   A 1 7 ? 0.556   -9.446  2.190   1.00 7.43  ? 7  A   A C8    1 
ATOM   140 N N7    . A   A 1 7 ? 1.015   -8.508  2.955   1.00 7.73  ? 7  A   A N7    1 
ATOM   141 C C5    . A   A 1 7 ? 2.380   -8.435  2.663   1.00 6.06  ? 7  A   A C5    1 
ATOM   142 C C6    . A   A 1 7 ? 3.398   -7.582  3.117   1.00 6.98  ? 7  A   A C6    1 
ATOM   143 N N6    . A   A 1 7 ? 3.174   -6.693  4.090   1.00 4.57  ? 7  A   A N6    1 
ATOM   144 N N1    . A   A 1 7 ? 4.629   -7.730  2.565   1.00 6.93  ? 7  A   A N1    1 
ATOM   145 C C2    . A   A 1 7 ? 4.840   -8.667  1.635   1.00 7.20  ? 7  A   A C2    1 
ATOM   146 N N3    . A   A 1 7 ? 3.951   -9.526  1.142   1.00 6.69  ? 7  A   A N3    1 
ATOM   147 C C4    . A   A 1 7 ? 2.721   -9.355  1.704   1.00 7.63  ? 7  A   A C4    1 
ATOM   148 P P     . DC  A 1 8 ? 0.704   -15.201 2.412   1.00 4.37  ? 8  DC  A P     1 
ATOM   149 O OP1   . DC  A 1 8 ? 0.499   -16.645 2.147   1.00 4.26  ? 8  DC  A OP1   1 
ATOM   150 O OP2   . DC  A 1 8 ? 0.114   -14.565 3.608   1.00 5.65  ? 8  DC  A OP2   1 
ATOM   151 O "O5'" . DC  A 1 8 ? 2.312   -15.026 2.578   1.00 3.55  ? 8  DC  A "O5'" 1 
ATOM   152 C "C5'" . DC  A 1 8 ? 3.234   -15.627 1.644   1.00 2.69  ? 8  DC  A "C5'" 1 
ATOM   153 C "C4'" . DC  A 1 8 ? 4.651   -15.022 1.909   1.00 2.00  ? 8  DC  A "C4'" 1 
ATOM   154 O "O4'" . DC  A 1 8 ? 4.586   -13.606 1.842   1.00 4.36  ? 8  DC  A "O4'" 1 
ATOM   155 C "C3'" . DC  A 1 8 ? 5.124   -15.276 3.328   1.00 2.00  ? 8  DC  A "C3'" 1 
ATOM   156 O "O3'" . DC  A 1 8 ? 5.613   -16.619 3.579   1.00 3.18  ? 8  DC  A "O3'" 1 
ATOM   157 C "C2'" . DC  A 1 8 ? 6.209   -14.225 3.423   1.00 4.62  ? 8  DC  A "C2'" 1 
ATOM   158 C "C1'" . DC  A 1 8 ? 5.626   -13.033 2.686   1.00 3.67  ? 8  DC  A "C1'" 1 
ATOM   159 N N1    . DC  A 1 8 ? 5.014   -12.070 3.654   1.00 4.80  ? 8  DC  A N1    1 
ATOM   160 C C2    . DC  A 1 8 ? 5.841   -11.075 4.165   1.00 4.15  ? 8  DC  A C2    1 
ATOM   161 O O2    . DC  A 1 8 ? 7.042   -11.088 3.942   1.00 3.25  ? 8  DC  A O2    1 
ATOM   162 N N3    . DC  A 1 8 ? 5.323   -10.153 5.019   1.00 3.49  ? 8  DC  A N3    1 
ATOM   163 C C4    . DC  A 1 8 ? 4.021   -10.196 5.333   1.00 5.48  ? 8  DC  A C4    1 
ATOM   164 N N4    . DC  A 1 8 ? 3.533   -9.263  6.151   1.00 3.97  ? 8  DC  A N4    1 
ATOM   165 C C5    . DC  A 1 8 ? 3.150   -11.228 4.830   1.00 5.14  ? 8  DC  A C5    1 
ATOM   166 C C6    . DC  A 1 8 ? 3.681   -12.126 3.977   1.00 5.04  ? 8  DC  A C6    1 
ATOM   167 O "O5'" . G   B 1 1 ? 9.861   -1.501  8.332   1.00 12.24 ? 9  G   B "O5'" 1 
ATOM   168 C "C5'" . G   B 1 1 ? 11.261  -1.688  8.547   1.00 11.54 ? 9  G   B "C5'" 1 
ATOM   169 C "C4'" . G   B 1 1 ? 11.742  -3.082  8.085   1.00 9.96  ? 9  G   B "C4'" 1 
ATOM   170 O "O4'" . G   B 1 1 ? 11.136  -4.163  8.784   1.00 10.25 ? 9  G   B "O4'" 1 
ATOM   171 C "C3'" . G   B 1 1 ? 11.446  -3.385  6.638   1.00 8.94  ? 9  G   B "C3'" 1 
ATOM   172 O "O3'" . G   B 1 1 ? 12.434  -2.740  5.846   1.00 7.47  ? 9  G   B "O3'" 1 
ATOM   173 C "C2'" . G   B 1 1 ? 11.584  -4.877  6.601   1.00 8.90  ? 9  G   B "C2'" 1 
ATOM   174 O "O2'" . G   B 1 1 ? 12.937  -5.323  6.772   1.00 11.09 ? 9  G   B "O2'" 1 
ATOM   175 C "C1'" . G   B 1 1 ? 10.854  -5.226  7.870   1.00 9.74  ? 9  G   B "C1'" 1 
ATOM   176 N N9    . G   B 1 1 ? 9.383   -5.361  7.751   1.00 10.99 ? 9  G   B N9    1 
ATOM   177 C C8    . G   B 1 1 ? 8.394   -4.610  8.346   1.00 10.81 ? 9  G   B C8    1 
ATOM   178 N N7    . G   B 1 1 ? 7.194   -5.080  8.170   1.00 11.19 ? 9  G   B N7    1 
ATOM   179 C C5    . G   B 1 1 ? 7.380   -6.222  7.391   1.00 10.18 ? 9  G   B C5    1 
ATOM   180 C C6    . G   B 1 1 ? 6.436   -7.174  6.876   1.00 9.49  ? 9  G   B C6    1 
ATOM   181 O O6    . G   B 1 1 ? 5.227   -7.253  7.049   1.00 9.55  ? 9  G   B O6    1 
ATOM   182 N N1    . G   B 1 1 ? 7.054   -8.173  6.134   1.00 9.54  ? 9  G   B N1    1 
ATOM   183 C C2    . G   B 1 1 ? 8.407   -8.271  5.915   1.00 9.15  ? 9  G   B C2    1 
ATOM   184 N N2    . G   B 1 1 ? 8.860   -9.323  5.223   1.00 6.44  ? 9  G   B N2    1 
ATOM   185 N N3    . G   B 1 1 ? 9.285   -7.381  6.406   1.00 9.59  ? 9  G   B N3    1 
ATOM   186 C C4    . G   B 1 1 ? 8.714   -6.392  7.126   1.00 9.22  ? 9  G   B C4    1 
ATOM   187 P P     . U   B 1 2 ? 12.114  -1.836  4.608   1.00 8.04  ? 10 U   B P     1 
ATOM   188 O OP1   . U   B 1 2 ? 13.393  -1.171  4.232   1.00 12.05 ? 10 U   B OP1   1 
ATOM   189 O OP2   . U   B 1 2 ? 10.920  -1.016  4.840   1.00 11.62 ? 10 U   B OP2   1 
ATOM   190 O "O5'" . U   B 1 2 ? 11.728  -2.876  3.425   1.00 8.37  ? 10 U   B "O5'" 1 
ATOM   191 C "C5'" . U   B 1 2 ? 12.756  -3.701  2.848   1.00 6.72  ? 10 U   B "C5'" 1 
ATOM   192 C "C4'" . U   B 1 2 ? 12.211  -4.880  2.114   1.00 3.81  ? 10 U   B "C4'" 1 
ATOM   193 O "O4'" . U   B 1 2 ? 11.463  -5.745  2.983   1.00 4.11  ? 10 U   B "O4'" 1 
ATOM   194 C "C3'" . U   B 1 2 ? 11.225  -4.444  1.074   1.00 3.70  ? 10 U   B "C3'" 1 
ATOM   195 O "O3'" . U   B 1 2 ? 11.824  -3.789  -0.044  1.00 4.16  ? 10 U   B "O3'" 1 
ATOM   196 C "C2'" . U   B 1 2 ? 10.526  -5.754  0.779   1.00 5.33  ? 10 U   B "C2'" 1 
ATOM   197 O "O2'" . U   B 1 2 ? 11.345  -6.614  -0.051  1.00 6.07  ? 10 U   B "O2'" 1 
ATOM   198 C "C1'" . U   B 1 2 ? 10.370  -6.293  2.219   1.00 6.02  ? 10 U   B "C1'" 1 
ATOM   199 N N1    . U   B 1 2 ? 9.086   -5.870  2.839   1.00 8.08  ? 10 U   B N1    1 
ATOM   200 C C2    . U   B 1 2 ? 7.958   -6.633  2.567   1.00 10.12 ? 10 U   B C2    1 
ATOM   201 O O2    . U   B 1 2 ? 7.967   -7.565  1.769   1.00 10.02 ? 10 U   B O2    1 
ATOM   202 N N3    . U   B 1 2 ? 6.783   -6.207  3.173   1.00 7.40  ? 10 U   B N3    1 
ATOM   203 C C4    . U   B 1 2 ? 6.633   -5.097  3.998   1.00 9.08  ? 10 U   B C4    1 
ATOM   204 O O4    . U   B 1 2 ? 5.560   -4.871  4.537   1.00 7.74  ? 10 U   B O4    1 
ATOM   205 C C5    . U   B 1 2 ? 7.841   -4.349  4.212   1.00 8.51  ? 10 U   B C5    1 
ATOM   206 C C6    . U   B 1 2 ? 8.998   -4.747  3.645   1.00 9.14  ? 10 U   B C6    1 
ATOM   207 P P     . A   B 1 3 ? 11.068  -2.635  -0.814  1.00 6.07  ? 11 A   B P     1 
ATOM   208 O OP1   . A   B 1 3 ? 12.033  -1.934  -1.667  1.00 2.99  ? 11 A   B OP1   1 
ATOM   209 O OP2   . A   B 1 3 ? 10.275  -1.871  0.198   1.00 5.85  ? 11 A   B OP2   1 
ATOM   210 O "O5'" . A   B 1 3 ? 10.004  -3.481  -1.720  1.00 3.15  ? 11 A   B "O5'" 1 
ATOM   211 C "C5'" . A   B 1 3 ? 10.453  -4.356  -2.752  1.00 5.15  ? 11 A   B "C5'" 1 
ATOM   212 C "C4'" . A   B 1 3 ? 9.304   -5.284  -3.102  1.00 5.08  ? 11 A   B "C4'" 1 
ATOM   213 O "O4'" . A   B 1 3 ? 8.858   -6.068  -2.021  1.00 7.28  ? 11 A   B "O4'" 1 
ATOM   214 C "C3'" . A   B 1 3 ? 8.064   -4.624  -3.614  1.00 5.03  ? 11 A   B "C3'" 1 
ATOM   215 O "O3'" . A   B 1 3 ? 8.173   -4.462  -4.981  1.00 3.11  ? 11 A   B "O3'" 1 
ATOM   216 C "C2'" . A   B 1 3 ? 7.082   -5.730  -3.472  1.00 4.78  ? 11 A   B "C2'" 1 
ATOM   217 O "O2'" . A   B 1 3 ? 7.236   -6.931  -4.328  1.00 4.53  ? 11 A   B "O2'" 1 
ATOM   218 C "C1'" . A   B 1 3 ? 7.417   -6.166  -2.040  1.00 6.39  ? 11 A   B "C1'" 1 
ATOM   219 N N9    . A   B 1 3 ? 6.691   -5.400  -0.992  1.00 6.51  ? 11 A   B N9    1 
ATOM   220 C C8    . A   B 1 3 ? 7.135   -4.365  -0.172  1.00 5.86  ? 11 A   B C8    1 
ATOM   221 N N7    . A   B 1 3 ? 6.242   -3.961  0.684   1.00 6.22  ? 11 A   B N7    1 
ATOM   222 C C5    . A   B 1 3 ? 5.125   -4.761  0.423   1.00 6.40  ? 11 A   B C5    1 
ATOM   223 C C6    . A   B 1 3 ? 3.848   -4.790  0.991   1.00 4.94  ? 11 A   B C6    1 
ATOM   224 N N6    . A   B 1 3 ? 3.510   -4.007  2.012   1.00 2.90  ? 11 A   B N6    1 
ATOM   225 N N1    . A   B 1 3 ? 2.976   -5.671  0.502   1.00 4.70  ? 11 A   B N1    1 
ATOM   226 C C2    . A   B 1 3 ? 3.349   -6.478  -0.480  1.00 5.25  ? 11 A   B C2    1 
ATOM   227 N N3    . A   B 1 3 ? 4.510   -6.566  -1.112  1.00 6.42  ? 11 A   B N3    1 
ATOM   228 C C4    . A   B 1 3 ? 5.381   -5.645  -0.591  1.00 7.76  ? 11 A   B C4    1 
ATOM   229 P P     . U   B 1 4 ? 7.721   -3.127  -5.678  1.00 3.60  ? 12 U   B P     1 
ATOM   230 O OP1   . U   B 1 4 ? 8.256   -3.274  -6.998  1.00 4.22  ? 12 U   B OP1   1 
ATOM   231 O OP2   . U   B 1 4 ? 7.990   -1.919  -4.840  1.00 4.41  ? 12 U   B OP2   1 
ATOM   232 O "O5'" . U   B 1 4 ? 6.111   -3.376  -5.685  1.00 4.70  ? 12 U   B "O5'" 1 
ATOM   233 C "C5'" . U   B 1 4 ? 5.480   -4.303  -6.592  1.00 2.00  ? 12 U   B "C5'" 1 
ATOM   234 C "C4'" . U   B 1 4 ? 4.057   -4.614  -6.124  1.00 3.36  ? 12 U   B "C4'" 1 
ATOM   235 O "O4'" . U   B 1 4 ? 4.104   -5.054  -4.776  1.00 3.42  ? 12 U   B "O4'" 1 
ATOM   236 C "C3'" . U   B 1 4 ? 3.146   -3.381  -6.069  1.00 4.51  ? 12 U   B "C3'" 1 
ATOM   237 O "O3'" . U   B 1 4 ? 2.777   -2.996  -7.394  1.00 6.70  ? 12 U   B "O3'" 1 
ATOM   238 C "C2'" . U   B 1 4 ? 1.998   -3.900  -5.191  1.00 4.73  ? 12 U   B "C2'" 1 
ATOM   239 O "O2'" . U   B 1 4 ? 1.187   -4.806  -5.949  1.00 3.42  ? 12 U   B "O2'" 1 
ATOM   240 C "C1'" . U   B 1 4 ? 2.879   -4.610  -4.120  1.00 6.03  ? 12 U   B "C1'" 1 
ATOM   241 N N1    . U   B 1 4 ? 3.203   -3.689  -2.967  1.00 6.54  ? 12 U   B N1    1 
ATOM   242 C C2    . U   B 1 4 ? 2.148   -3.433  -2.074  1.00 6.74  ? 12 U   B C2    1 
ATOM   243 O O2    . U   B 1 4 ? 1.063   -4.013  -2.134  1.00 6.96  ? 12 U   B O2    1 
ATOM   244 N N3    . U   B 1 4 ? 2.403   -2.499  -1.068  1.00 6.28  ? 12 U   B N3    1 
ATOM   245 C C4    . U   B 1 4 ? 3.585   -1.790  -0.906  1.00 6.33  ? 12 U   B C4    1 
ATOM   246 O O4    . U   B 1 4 ? 3.641   -0.934  -0.027  1.00 7.71  ? 12 U   B O4    1 
ATOM   247 C C5    . U   B 1 4 ? 4.637   -2.115  -1.871  1.00 6.35  ? 12 U   B C5    1 
ATOM   248 C C6    . U   B 1 4 ? 4.425   -3.026  -2.848  1.00 4.92  ? 12 U   B C6    1 
ATOM   249 P P     . G   B 1 5 ? 1.969   -1.696  -7.779  1.00 7.64  ? 13 G   B P     1 
ATOM   250 O OP1   . G   B 1 5 ? 1.978   -1.556  -9.252  1.00 8.06  ? 13 G   B OP1   1 
ATOM   251 O OP2   . G   B 1 5 ? 2.402   -0.548  -6.940  1.00 8.37  ? 13 G   B OP2   1 
ATOM   252 O "O5'" . G   B 1 5 ? 0.443   -2.048  -7.374  1.00 5.36  ? 13 G   B "O5'" 1 
ATOM   253 C "C5'" . G   B 1 5 ? -0.339  -2.962  -8.174  1.00 2.94  ? 13 G   B "C5'" 1 
ATOM   254 C "C4'" . G   B 1 5 ? -1.719  -3.121  -7.574  1.00 4.56  ? 13 G   B "C4'" 1 
ATOM   255 O "O4'" . G   B 1 5 ? -1.703  -3.496  -6.199  1.00 5.00  ? 13 G   B "O4'" 1 
ATOM   256 C "C3'" . G   B 1 5 ? -2.540  -1.848  -7.602  1.00 4.02  ? 13 G   B "C3'" 1 
ATOM   257 O "O3'" . G   B 1 5 ? -3.041  -1.587  -8.887  1.00 5.45  ? 13 G   B "O3'" 1 
ATOM   258 C "C2'" . G   B 1 5 ? -3.643  -2.183  -6.615  1.00 4.31  ? 13 G   B "C2'" 1 
ATOM   259 O "O2'" . G   B 1 5 ? -4.577  -3.152  -7.121  1.00 5.13  ? 13 G   B "O2'" 1 
ATOM   260 C "C1'" . G   B 1 5 ? -2.821  -2.865  -5.542  1.00 5.93  ? 13 G   B "C1'" 1 
ATOM   261 N N9    . G   B 1 5 ? -2.304  -1.910  -4.535  1.00 6.56  ? 13 G   B N9    1 
ATOM   262 C C8    . G   B 1 5 ? -1.008  -1.477  -4.335  1.00 8.45  ? 13 G   B C8    1 
ATOM   263 N N7    . G   B 1 5 ? -0.857  -0.685  -3.303  1.00 9.30  ? 13 G   B N7    1 
ATOM   264 C C5    . G   B 1 5 ? -2.157  -0.579  -2.772  1.00 8.08  ? 13 G   B C5    1 
ATOM   265 C C6    . G   B 1 5 ? -2.618  0.137   -1.621  1.00 8.35  ? 13 G   B C6    1 
ATOM   266 O O6    . G   B 1 5 ? -1.971  0.832   -0.840  1.00 6.17  ? 13 G   B O6    1 
ATOM   267 N N1    . G   B 1 5 ? -3.986  -0.052  -1.419  1.00 7.42  ? 13 G   B N1    1 
ATOM   268 C C2    . G   B 1 5 ? -4.817  -0.825  -2.215  1.00 8.18  ? 13 G   B C2    1 
ATOM   269 N N2    . G   B 1 5 ? -6.123  -0.903  -1.877  1.00 7.29  ? 13 G   B N2    1 
ATOM   270 N N3    . G   B 1 5 ? -4.392  -1.495  -3.304  1.00 6.96  ? 13 G   B N3    1 
ATOM   271 C C4    . G   B 1 5 ? -3.047  -1.326  -3.517  1.00 8.12  ? 13 G   B C4    1 
ATOM   272 P P     . U   B 1 6 ? -3.085  -0.155  -9.506  1.00 7.74  ? 14 U   B P     1 
ATOM   273 O OP1   . U   B 1 6 ? -3.649  -0.269  -10.873 1.00 9.69  ? 14 U   B OP1   1 
ATOM   274 O OP2   . U   B 1 6 ? -1.787  0.545   -9.266  1.00 8.74  ? 14 U   B OP2   1 
ATOM   275 O "O5'" . U   B 1 6 ? -4.183  0.607   -8.584  1.00 7.29  ? 14 U   B "O5'" 1 
ATOM   276 C "C5'" . U   B 1 6 ? -5.567  0.243   -8.790  1.00 8.06  ? 14 U   B "C5'" 1 
ATOM   277 C "C4'" . U   B 1 6 ? -6.463  0.724   -7.675  1.00 6.88  ? 14 U   B "C4'" 1 
ATOM   278 O "O4'" . U   B 1 6 ? -6.031  0.245   -6.390  1.00 6.71  ? 14 U   B "O4'" 1 
ATOM   279 C "C3'" . U   B 1 6 ? -6.332  2.231   -7.617  1.00 5.92  ? 14 U   B "C3'" 1 
ATOM   280 O "O3'" . U   B 1 6 ? -7.041  2.887   -8.678  1.00 5.33  ? 14 U   B "O3'" 1 
ATOM   281 C "C2'" . U   B 1 6 ? -6.825  2.519   -6.220  1.00 5.42  ? 14 U   B "C2'" 1 
ATOM   282 O "O2'" . U   B 1 6 ? -8.250  2.435   -6.109  1.00 6.49  ? 14 U   B "O2'" 1 
ATOM   283 C "C1'" . U   B 1 6 ? -6.184  1.354   -5.457  1.00 6.71  ? 14 U   B "C1'" 1 
ATOM   284 N N1    . U   B 1 6 ? -4.878  1.792   -4.918  1.00 5.81  ? 14 U   B N1    1 
ATOM   285 C C2    . U   B 1 6 ? -4.879  2.529   -3.750  1.00 7.37  ? 14 U   B C2    1 
ATOM   286 O O2    . U   B 1 6 ? -5.894  2.797   -3.126  1.00 8.28  ? 14 U   B O2    1 
ATOM   287 N N3    . U   B 1 6 ? -3.649  2.999   -3.306  1.00 5.90  ? 14 U   B N3    1 
ATOM   288 C C4    . U   B 1 6 ? -2.422  2.766   -3.898  1.00 6.22  ? 14 U   B C4    1 
ATOM   289 O O4    . U   B 1 6 ? -1.395  3.175   -3.354  1.00 5.19  ? 14 U   B O4    1 
ATOM   290 C C5    . U   B 1 6 ? -2.503  1.987   -5.120  1.00 5.28  ? 14 U   B C5    1 
ATOM   291 C C6    . U   B 1 6 ? -3.685  1.524   -5.574  1.00 4.87  ? 14 U   B C6    1 
ATOM   292 P P     . A   B 1 7 ? -6.625  4.290   -9.248  1.00 6.79  ? 15 A   B P     1 
ATOM   293 O OP1   . A   B 1 7 ? -7.426  4.626   -10.443 1.00 7.01  ? 15 A   B OP1   1 
ATOM   294 O OP2   . A   B 1 7 ? -5.137  4.266   -9.340  1.00 7.16  ? 15 A   B OP2   1 
ATOM   295 O "O5'" . A   B 1 7 ? -7.042  5.270   -8.013  1.00 5.16  ? 15 A   B "O5'" 1 
ATOM   296 C "C5'" . A   B 1 7 ? -8.416  5.531   -7.692  1.00 3.79  ? 15 A   B "C5'" 1 
ATOM   297 C "C4'" . A   B 1 7 ? -8.475  6.337   -6.389  1.00 7.16  ? 15 A   B "C4'" 1 
ATOM   298 O "O4'" . A   B 1 7 ? -7.832  5.668   -5.291  1.00 8.96  ? 15 A   B "O4'" 1 
ATOM   299 C "C3'" . A   B 1 7 ? -7.775  7.645   -6.413  1.00 6.58  ? 15 A   B "C3'" 1 
ATOM   300 O "O3'" . A   B 1 7 ? -8.535  8.584   -7.135  1.00 6.45  ? 15 A   B "O3'" 1 
ATOM   301 C "C2'" . A   B 1 7 ? -7.653  7.968   -4.955  1.00 7.13  ? 15 A   B "C2'" 1 
ATOM   302 O "O2'" . A   B 1 7 ? -8.918  8.248   -4.292  1.00 9.05  ? 15 A   B "O2'" 1 
ATOM   303 C "C1'" . A   B 1 7 ? -7.165  6.637   -4.455  1.00 8.63  ? 15 A   B "C1'" 1 
ATOM   304 N N9    . A   B 1 7 ? -5.700  6.490   -4.534  1.00 9.03  ? 15 A   B N9    1 
ATOM   305 C C8    . A   B 1 7 ? -4.937  5.813   -5.474  1.00 10.13 ? 15 A   B C8    1 
ATOM   306 N N7    . A   B 1 7 ? -3.671  5.764   -5.174  1.00 9.43  ? 15 A   B N7    1 
ATOM   307 C C5    . A   B 1 7 ? -3.577  6.456   -3.961  1.00 9.82  ? 15 A   B C5    1 
ATOM   308 C C6    . A   B 1 7 ? -2.463  6.861   -3.191  1.00 9.29  ? 15 A   B C6    1 
ATOM   309 N N6    . A   B 1 7 ? -1.209  6.532   -3.526  1.00 9.55  ? 15 A   B N6    1 
ATOM   310 N N1    . A   B 1 7 ? -2.701  7.653   -2.148  1.00 6.92  ? 15 A   B N1    1 
ATOM   311 C C2    . A   B 1 7 ? -3.929  8.032   -1.883  1.00 8.93  ? 15 A   B C2    1 
ATOM   312 N N3    . A   B 1 7 ? -5.050  7.739   -2.505  1.00 9.42  ? 15 A   B N3    1 
ATOM   313 C C4    . A   B 1 7 ? -4.797  6.917   -3.563  1.00 10.09 ? 15 A   B C4    1 
ATOM   314 P P     . DC  B 1 8 ? -7.933  9.798   -7.998  1.00 5.70  ? 16 DC  B P     1 
ATOM   315 O OP1   . DC  B 1 8 ? -8.898  10.458  -8.866  1.00 6.69  ? 16 DC  B OP1   1 
ATOM   316 O OP2   . DC  B 1 8 ? -6.770  9.178   -8.743  1.00 7.13  ? 16 DC  B OP2   1 
ATOM   317 O "O5'" . DC  B 1 8 ? -7.154  10.813  -6.935  1.00 6.71  ? 16 DC  B "O5'" 1 
ATOM   318 C "C5'" . DC  B 1 8 ? -8.046  11.512  -6.035  1.00 5.55  ? 16 DC  B "C5'" 1 
ATOM   319 C "C4'" . DC  B 1 8 ? -7.334  12.135  -4.882  1.00 5.51  ? 16 DC  B "C4'" 1 
ATOM   320 O "O4'" . DC  B 1 8 ? -6.607  11.138  -4.139  1.00 6.84  ? 16 DC  B "O4'" 1 
ATOM   321 C "C3'" . DC  B 1 8 ? -6.350  13.151  -5.423  1.00 7.64  ? 16 DC  B "C3'" 1 
ATOM   322 O "O3'" . DC  B 1 8 ? -7.033  14.366  -5.688  1.00 10.83 ? 16 DC  B "O3'" 1 
ATOM   323 C "C2'" . DC  B 1 8 ? -5.410  13.200  -4.229  1.00 9.18  ? 16 DC  B "C2'" 1 
ATOM   324 C "C1'" . DC  B 1 8 ? -5.372  11.757  -3.740  1.00 8.01  ? 16 DC  B "C1'" 1 
ATOM   325 N N1    . DC  B 1 8 ? -4.208  11.007  -4.272  1.00 7.03  ? 16 DC  B N1    1 
ATOM   326 C C2    . DC  B 1 8 ? -3.008  11.195  -3.581  1.00 8.53  ? 16 DC  B C2    1 
ATOM   327 O O2    . DC  B 1 8 ? -2.905  12.032  -2.670  1.00 7.27  ? 16 DC  B O2    1 
ATOM   328 N N3    . DC  B 1 8 ? -1.923  10.501  -4.007  1.00 7.23  ? 16 DC  B N3    1 
ATOM   329 C C4    . DC  B 1 8 ? -2.000  9.675   -5.074  1.00 7.32  ? 16 DC  B C4    1 
ATOM   330 N N4    . DC  B 1 8 ? -0.878  9.071   -5.457  1.00 6.99  ? 16 DC  B N4    1 
ATOM   331 C C5    . DC  B 1 8 ? -3.245  9.480   -5.806  1.00 7.57  ? 16 DC  B C5    1 
ATOM   332 C C6    . DC  B 1 8 ? -4.317  10.163  -5.355  1.00 7.23  ? 16 DC  B C6    1 
HETATM 333 O O     . HOH C 2 . ? -0.071  15.306  0.214   1.00 6.28  ? 17 HOH A O     1 
HETATM 334 O O     . HOH C 2 . ? 0.991   -7.447  -2.821  1.00 5.33  ? 18 HOH A O     1 
HETATM 335 O O     . HOH C 2 . ? -5.168  -11.449 -1.170  1.00 16.90 ? 19 HOH A O     1 
HETATM 336 O O     . HOH C 2 . ? -6.411  8.278   9.251   1.00 9.88  ? 20 HOH A O     1 
HETATM 337 O O     . HOH C 2 . ? -2.831  12.899  6.429   1.00 22.48 ? 23 HOH A O     1 
HETATM 338 O O     . HOH C 2 . ? -7.885  1.028   -0.249  1.00 9.25  ? 24 HOH A O     1 
HETATM 339 O O     . HOH C 2 . ? -5.036  10.586  0.421   1.00 10.83 ? 26 HOH A O     1 
HETATM 340 O O     . HOH C 2 . ? -3.066  13.716  1.791   1.00 13.40 ? 29 HOH A O     1 
HETATM 341 O O     . HOH C 2 . ? -3.648  -3.261  5.966   1.00 18.47 ? 30 HOH A O     1 
HETATM 342 O O     . HOH C 2 . ? -3.761  2.592   7.899   1.00 25.22 ? 33 HOH A O     1 
HETATM 343 O O     . HOH C 2 . ? 1.574   -1.109  2.781   1.00 29.72 ? 35 HOH A O     1 
HETATM 344 O O     . HOH C 2 . ? 8.637   -10.832 1.703   1.00 14.80 ? 36 HOH A O     1 
HETATM 345 O O     . HOH C 2 . ? -0.169  -11.976 5.030   1.00 18.84 ? 38 HOH A O     1 
HETATM 346 O O     . HOH C 2 . ? -2.844  -14.220 4.275   1.00 20.70 ? 43 HOH A O     1 
HETATM 347 O O     . HOH C 2 . ? -9.108  -1.755  9.048   1.00 64.57 ? 46 HOH A O     1 
HETATM 348 O O     . HOH C 2 . ? -8.165  5.212   1.501   1.00 51.78 ? 47 HOH A O     1 
HETATM 349 O O     . HOH C 2 . ? -11.227 5.529   1.512   1.00 42.47 ? 50 HOH A O     1 
HETATM 350 O O     . HOH C 2 . ? 0.471   -9.633  6.521   1.00 26.54 ? 53 HOH A O     1 
HETATM 351 O O     . HOH C 2 . ? 0.725   -2.303  5.158   1.00 65.30 ? 54 HOH A O     1 
HETATM 352 O O     . HOH C 2 . ? -3.583  -7.686  -3.080  1.00 45.23 ? 55 HOH A O     1 
HETATM 353 O O     . HOH C 2 . ? 4.947   8.048   1.133   1.00 40.18 ? 57 HOH A O     1 
HETATM 354 O O     . HOH C 2 . ? 5.180   14.257  4.545   1.00 29.40 ? 58 HOH A O     1 
HETATM 355 O O     . HOH C 2 . ? -11.566 -1.635  9.610   1.00 56.43 ? 59 HOH A O     1 
HETATM 356 O O     . HOH C 2 . ? 6.210   -12.021 -0.061  1.00 95.23 ? 60 HOH A O     1 
HETATM 357 O O     . HOH C 2 . ? -0.718  -0.254  4.079   1.00 21.22 ? 61 HOH A O     1 
HETATM 358 O O     . HOH C 2 . ? 1.814   1.482   2.116   1.00 34.67 ? 62 HOH A O     1 
HETATM 359 O O     . HOH C 2 . ? -0.798  -7.932  4.869   1.00 23.84 ? 64 HOH A O     1 
HETATM 360 O O     . HOH C 2 . ? -3.961  0.431   5.113   1.00 20.56 ? 65 HOH A O     1 
HETATM 361 O O     . HOH C 2 . ? -6.319  1.433   8.995   1.00 22.12 ? 66 HOH A O     1 
HETATM 362 O O     . HOH C 2 . ? 0.792   4.979   1.526   1.00 61.30 ? 67 HOH A O     1 
HETATM 363 O O     . HOH C 2 . ? -1.534  5.435   5.560   1.00 26.50 ? 68 HOH A O     1 
HETATM 364 O O     . HOH C 2 . ? -6.036  -2.798  7.851   1.00 34.11 ? 69 HOH A O     1 
HETATM 365 O O     . HOH C 2 . ? 1.460   7.475   3.962   1.00 33.06 ? 70 HOH A O     1 
HETATM 366 O O     . HOH C 2 . ? -4.991  5.644   10.587  1.00 56.39 ? 71 HOH A O     1 
HETATM 367 O O     . HOH C 2 . ? 5.910   8.334   -3.954  1.00 44.24 ? 74 HOH A O     1 
HETATM 368 O O     . HOH C 2 . ? -0.080  12.285  7.941   1.00 26.83 ? 76 HOH A O     1 
HETATM 369 O O     . HOH C 2 . ? -10.096 3.616   2.352   1.00 47.58 ? 78 HOH A O     1 
HETATM 370 O O     . HOH C 2 . ? -10.886 -3.145  7.703   0.33 19.19 ? 79 HOH A O     1 
HETATM 371 O O     . HOH C 2 . ? 7.924   -13.722 -0.246  0.33 18.40 ? 81 HOH A O     1 
HETATM 372 O O     . HOH C 2 . ? -10.885 -3.207  7.766   0.33 4.47  ? 82 HOH A O     1 
HETATM 373 O O     . HOH D 2 . ? -0.777  -6.021  -4.168  1.00 7.72  ? 21 HOH B O     1 
HETATM 374 O O     . HOH D 2 . ? -9.327  2.737   -11.031 1.00 11.99 ? 22 HOH B O     1 
HETATM 375 O O     . HOH D 2 . ? 10.650  -0.903  -3.717  1.00 33.05 ? 25 HOH B O     1 
HETATM 376 O O     . HOH D 2 . ? -8.363  15.350  -3.114  1.00 15.74 ? 27 HOH B O     1 
HETATM 377 O O     . HOH D 2 . ? -2.424  3.412   -8.622  1.00 10.48 ? 28 HOH B O     1 
HETATM 378 O O     . HOH D 2 . ? 9.111   -1.518  2.830   1.00 55.88 ? 31 HOH B O     1 
HETATM 379 O O     . HOH D 2 . ? -4.477  7.416   -8.500  1.00 21.22 ? 32 HOH B O     1 
HETATM 380 O O     . HOH D 2 . ? 5.253   -8.243  -4.046  1.00 28.04 ? 34 HOH B O     1 
HETATM 381 O O     . HOH D 2 . ? 3.152   -6.296  8.623   1.00 17.91 ? 37 HOH B O     1 
HETATM 382 O O     . HOH D 2 . ? 7.958   -1.061  -2.354  1.00 19.86 ? 39 HOH B O     1 
HETATM 383 O O     . HOH D 2 . ? 10.171  -8.954  -1.402  1.00 24.05 ? 40 HOH B O     1 
HETATM 384 O O     . HOH D 2 . ? -0.140  1.245   -7.051  1.00 23.43 ? 41 HOH B O     1 
HETATM 385 O O     . HOH D 2 . ? 6.438   -1.782  2.586   1.00 19.78 ? 42 HOH B O     1 
HETATM 386 O O     . HOH D 2 . ? -10.255 8.074   -1.955  1.00 84.12 ? 44 HOH B O     1 
HETATM 387 O O     . HOH D 2 . ? -1.527  5.334   -6.860  1.00 68.64 ? 45 HOH B O     1 
HETATM 388 O O     . HOH D 2 . ? 0.373   -1.064  -11.406 1.00 36.10 ? 48 HOH B O     1 
HETATM 389 O O     . HOH D 2 . ? -3.838  2.719   -11.045 1.00 24.33 ? 49 HOH B O     1 
HETATM 390 O O     . HOH D 2 . ? -6.712  2.579   -12.455 1.00 41.56 ? 51 HOH B O     1 
HETATM 391 O O     . HOH D 2 . ? -7.522  8.809   -1.514  1.00 15.51 ? 52 HOH B O     1 
HETATM 392 O O     . HOH D 2 . ? 7.444   -9.867  -1.935  1.00 26.19 ? 56 HOH B O     1 
HETATM 393 O O     . HOH D 2 . ? 1.986   -0.192  -3.334  1.00 52.51 ? 63 HOH B O     1 
HETATM 394 O O     . HOH D 2 . ? 4.977   -0.277  -4.709  1.00 38.29 ? 72 HOH B O     1 
HETATM 395 O O     . HOH D 2 . ? 9.076   -2.046  -9.024  1.00 39.60 ? 73 HOH B O     1 
HETATM 396 O O     . HOH D 2 . ? 3.409   0.928   -9.783  1.00 35.00 ? 75 HOH B O     1 
HETATM 397 O O     . HOH D 2 . ? 0.800   0.831   -0.446  1.00 34.65 ? 77 HOH B O     1 
HETATM 398 O O     . HOH D 2 . ? -11.109 11.529  -7.279  0.33 29.22 ? 80 HOH B O     1 
HETATM 399 O O     . HOH D 2 . ? 7.779   -3.446  -10.745 0.33 27.93 ? 83 HOH B O     1 
HETATM 400 O O     . HOH D 2 . ? 7.768   -2.785  -11.419 0.33 2.47  ? 84 HOH B O     1 
HETATM 401 O O     . HOH D 2 . ? -11.115 12.037  -7.796  0.33 45.88 ? 85 HOH B O     1 
# 
